data_1HAC
#
_entry.id   1HAC
#
_cell.length_a   86.840
_cell.length_b   87.110
_cell.length_c   97.630
_cell.angle_alpha   90.00
_cell.angle_beta   90.00
_cell.angle_gamma   90.00
#
_symmetry.space_group_name_H-M   'P 21 21 21'
#
loop_
_entity.id
_entity.type
_entity.pdbx_description
1 polymer 'HEMOGLOBIN A'
2 polymer 'HEMOGLOBIN A'
3 non-polymer 'PROTOPORPHYRIN IX CONTAINING FE'
4 non-polymer 'CARBON MONOXIDE'
5 non-polymer 2,6-DICARBOXYNAPHTHALENE
6 water water
#
loop_
_entity_poly.entity_id
_entity_poly.type
_entity_poly.pdbx_seq_one_letter_code
_entity_poly.pdbx_strand_id
1 'polypeptide(L)'
;VLSPADKTNVKAAWGKVGAHAGEYGAEALERMFLSFPTTKTYFPHFDLSHGSAQVKGHGKKVADALTNAVAHVDDMPNAL
SALSDLHAHKLRVDPVNFKLLSHCLLVTLAAHLPAEFTPAVHASLDKFLASVSTVLTSKYR
;
A,C
2 'polypeptide(L)'
;VHLTPEEKSAVTALWGKVNVDEVGGEALGRLLVVYPWTQRFFESFGDLSTPDAVMGNPKVKAHGKKVLGAFSDGLAHLDN
LKGTFATLSELHCDKLHVDPENFRLLGNVLVCVLAHHFGKEFTPPVQAAYQKVVAGVANALAHKYH
;
B,D
#
loop_
_chem_comp.id
_chem_comp.type
_chem_comp.name
_chem_comp.formula
CMO non-polymer 'CARBON MONOXIDE' 'C O'
HEM non-polymer 'PROTOPORPHYRIN IX CONTAINING FE' 'C34 H32 Fe N4 O4'
NDD non-polymer 2,6-DICARBOXYNAPHTHALENE 'C12 H8 O4'
#
# COMPACT_ATOMS: atom_id res chain seq x y z
N VAL A 1 -11.71 -7.11 -10.81
CA VAL A 1 -12.88 -7.98 -10.64
C VAL A 1 -13.18 -8.65 -11.96
N LEU A 2 -12.83 -7.89 -12.99
CA LEU A 2 -13.07 -8.32 -14.32
C LEU A 2 -14.52 -8.41 -14.71
N SER A 3 -15.03 -7.22 -14.96
CA SER A 3 -16.35 -7.10 -15.48
C SER A 3 -16.13 -7.56 -16.92
N PRO A 4 -17.24 -7.97 -17.50
CA PRO A 4 -17.31 -8.41 -18.88
C PRO A 4 -16.56 -7.42 -19.70
N ALA A 5 -16.97 -6.16 -19.53
CA ALA A 5 -16.38 -5.04 -20.25
C ALA A 5 -14.89 -5.16 -20.07
N ASP A 6 -14.49 -5.24 -18.80
CA ASP A 6 -13.11 -5.41 -18.45
C ASP A 6 -12.41 -6.50 -19.24
N LYS A 7 -12.97 -7.65 -19.31
CA LYS A 7 -12.34 -8.76 -20.03
C LYS A 7 -12.16 -8.35 -21.55
N THR A 8 -13.20 -7.64 -22.12
CA THR A 8 -13.22 -7.19 -23.57
C THR A 8 -11.94 -6.45 -23.96
N ASN A 9 -11.73 -5.35 -23.28
CA ASN A 9 -10.58 -4.47 -23.52
C ASN A 9 -9.24 -5.21 -23.25
N VAL A 10 -9.20 -6.08 -22.25
CA VAL A 10 -7.96 -6.84 -21.93
C VAL A 10 -7.55 -7.63 -23.18
N LYS A 11 -8.54 -8.27 -23.74
CA LYS A 11 -8.38 -9.09 -24.95
C LYS A 11 -8.08 -8.18 -26.16
N ALA A 12 -8.93 -7.17 -26.33
CA ALA A 12 -8.82 -6.19 -27.43
C ALA A 12 -7.43 -5.55 -27.48
N ALA A 13 -6.96 -5.16 -26.29
CA ALA A 13 -5.65 -4.50 -26.11
C ALA A 13 -4.47 -5.48 -26.16
N TRP A 14 -4.64 -6.60 -25.50
CA TRP A 14 -3.59 -7.62 -25.49
C TRP A 14 -3.48 -8.17 -26.84
N GLY A 15 -4.64 -8.36 -27.44
CA GLY A 15 -4.68 -8.88 -28.79
C GLY A 15 -3.88 -7.93 -29.66
N LYS A 16 -4.06 -6.63 -29.43
CA LYS A 16 -3.36 -5.61 -30.19
C LYS A 16 -1.88 -5.82 -30.09
N VAL A 17 -1.42 -6.15 -28.88
CA VAL A 17 0.01 -6.34 -28.57
C VAL A 17 0.73 -7.29 -29.56
N GLY A 18 0.06 -8.43 -29.75
CA GLY A 18 0.45 -9.48 -30.67
C GLY A 18 1.79 -10.10 -30.39
N ALA A 19 2.65 -10.05 -31.38
CA ALA A 19 3.95 -10.64 -31.18
C ALA A 19 4.94 -9.66 -30.57
N HIS A 20 4.53 -8.42 -30.41
CA HIS A 20 5.46 -7.51 -29.81
C HIS A 20 5.62 -7.87 -28.36
N ALA A 21 4.69 -8.66 -27.85
CA ALA A 21 4.68 -9.13 -26.45
C ALA A 21 6.08 -9.33 -25.84
N GLY A 22 7.01 -9.82 -26.60
CA GLY A 22 8.39 -10.02 -26.10
C GLY A 22 9.02 -8.65 -25.74
N GLU A 23 9.07 -7.83 -26.80
CA GLU A 23 9.60 -6.45 -26.74
C GLU A 23 9.15 -5.72 -25.48
N TYR A 24 7.85 -5.63 -25.41
CA TYR A 24 7.11 -4.94 -24.36
C TYR A 24 7.38 -5.55 -22.96
N GLY A 25 7.53 -6.87 -22.92
CA GLY A 25 7.80 -7.59 -21.65
C GLY A 25 9.23 -7.31 -21.20
N ALA A 26 10.02 -6.92 -22.19
CA ALA A 26 11.44 -6.57 -22.02
C ALA A 26 11.55 -5.09 -21.72
N GLU A 27 10.70 -4.30 -22.43
CA GLU A 27 10.66 -2.84 -22.26
C GLU A 27 10.22 -2.57 -20.82
N ALA A 28 9.18 -3.29 -20.45
CA ALA A 28 8.56 -3.23 -19.11
C ALA A 28 9.59 -3.59 -18.07
N LEU A 29 10.26 -4.76 -18.20
CA LEU A 29 11.34 -5.15 -17.27
C LEU A 29 12.37 -4.11 -17.14
N GLU A 30 12.81 -3.63 -18.27
CA GLU A 30 13.82 -2.57 -18.32
C GLU A 30 13.37 -1.30 -17.57
N ARG A 31 12.14 -0.86 -17.83
CA ARG A 31 11.57 0.36 -17.20
C ARG A 31 11.66 0.31 -15.66
N MET A 32 11.44 -0.90 -15.15
CA MET A 32 11.44 -1.21 -13.69
C MET A 32 12.82 -1.14 -13.06
N PHE A 33 13.80 -1.74 -13.69
CA PHE A 33 15.14 -1.71 -13.12
C PHE A 33 15.61 -0.25 -12.99
N LEU A 34 15.23 0.56 -13.95
CA LEU A 34 15.67 1.97 -13.95
C LEU A 34 14.87 2.88 -12.96
N SER A 35 13.57 2.98 -13.13
CA SER A 35 12.76 3.87 -12.25
C SER A 35 12.77 3.43 -10.78
N PHE A 36 12.80 2.13 -10.57
CA PHE A 36 12.80 1.56 -9.21
C PHE A 36 14.02 0.52 -9.09
N PRO A 37 15.32 0.98 -8.79
CA PRO A 37 16.52 0.09 -8.71
C PRO A 37 16.40 -0.97 -7.64
N THR A 38 15.56 -0.65 -6.67
CA THR A 38 15.27 -1.52 -5.51
C THR A 38 14.88 -2.95 -5.96
N THR A 39 14.27 -3.01 -7.14
CA THR A 39 13.77 -4.28 -7.75
C THR A 39 14.89 -5.14 -8.38
N LYS A 40 15.98 -4.49 -8.68
CA LYS A 40 17.14 -5.12 -9.32
C LYS A 40 17.79 -6.15 -8.40
N THR A 41 17.49 -6.00 -7.14
CA THR A 41 18.01 -6.85 -6.07
C THR A 41 17.54 -8.30 -6.20
N TYR A 42 16.51 -8.54 -6.95
CA TYR A 42 15.97 -9.91 -7.09
C TYR A 42 16.54 -10.64 -8.34
N PHE A 43 17.32 -9.92 -9.17
CA PHE A 43 17.92 -10.50 -10.41
C PHE A 43 19.45 -10.40 -10.41
N PRO A 44 20.10 -10.84 -9.32
CA PRO A 44 21.55 -10.81 -9.19
C PRO A 44 22.28 -11.65 -10.22
N HIS A 45 21.65 -12.76 -10.58
CA HIS A 45 22.23 -13.73 -11.54
C HIS A 45 21.97 -13.31 -12.99
N PHE A 46 21.87 -12.01 -13.18
CA PHE A 46 21.59 -11.43 -14.49
C PHE A 46 22.41 -10.21 -14.78
N ASP A 47 22.54 -10.01 -16.05
CA ASP A 47 23.14 -8.82 -16.58
C ASP A 47 21.90 -7.96 -16.76
N LEU A 48 21.89 -6.81 -16.14
CA LEU A 48 20.70 -5.92 -16.23
C LEU A 48 20.95 -4.77 -17.24
N SER A 49 22.17 -4.71 -17.78
CA SER A 49 22.60 -3.66 -18.78
C SER A 49 21.60 -3.62 -19.97
N HIS A 50 21.60 -2.46 -20.65
CA HIS A 50 20.65 -2.18 -21.78
C HIS A 50 20.49 -3.29 -22.85
N GLY A 51 21.52 -3.54 -23.62
CA GLY A 51 21.44 -4.52 -24.75
C GLY A 51 20.85 -5.85 -24.31
N SER A 52 21.35 -6.19 -23.20
CA SER A 52 21.09 -7.39 -22.47
C SER A 52 20.06 -8.28 -23.08
N ALA A 53 20.61 -9.44 -23.23
CA ALA A 53 20.03 -10.62 -23.74
C ALA A 53 19.33 -11.40 -22.62
N GLN A 54 19.94 -11.43 -21.44
CA GLN A 54 19.37 -12.19 -20.29
C GLN A 54 17.96 -11.67 -19.93
N VAL A 55 17.83 -10.36 -19.99
CA VAL A 55 16.55 -9.68 -19.67
C VAL A 55 15.51 -9.94 -20.76
N LYS A 56 15.97 -9.88 -21.99
CA LYS A 56 15.10 -10.12 -23.13
C LYS A 56 14.45 -11.47 -22.95
N GLY A 57 15.29 -12.42 -22.63
CA GLY A 57 14.89 -13.78 -22.40
C GLY A 57 13.78 -13.84 -21.37
N HIS A 58 14.03 -13.19 -20.25
CA HIS A 58 13.06 -13.21 -19.17
C HIS A 58 11.76 -12.41 -19.55
N GLY A 59 11.94 -11.35 -20.34
CA GLY A 59 10.82 -10.45 -20.80
C GLY A 59 9.77 -11.22 -21.61
N LYS A 60 10.26 -12.13 -22.42
CA LYS A 60 9.43 -13.00 -23.25
C LYS A 60 8.65 -13.91 -22.32
N LYS A 61 9.36 -14.42 -21.33
CA LYS A 61 8.76 -15.30 -20.34
C LYS A 61 7.55 -14.60 -19.69
N VAL A 62 7.75 -13.34 -19.27
CA VAL A 62 6.67 -12.51 -18.64
C VAL A 62 5.50 -12.31 -19.59
N ALA A 63 5.87 -11.82 -20.77
CA ALA A 63 4.89 -11.55 -21.82
C ALA A 63 4.03 -12.80 -22.02
N ASP A 64 4.70 -13.91 -22.23
CA ASP A 64 4.02 -15.20 -22.43
C ASP A 64 2.97 -15.45 -21.35
N ALA A 65 3.39 -15.23 -20.13
CA ALA A 65 2.55 -15.46 -18.98
C ALA A 65 1.32 -14.60 -18.96
N LEU A 66 1.54 -13.32 -19.25
CA LEU A 66 0.50 -12.30 -19.25
C LEU A 66 -0.45 -12.88 -20.24
N THR A 67 0.16 -13.41 -21.27
CA THR A 67 -0.68 -14.03 -22.25
C THR A 67 -1.55 -15.19 -21.74
N ASN A 68 -0.95 -16.23 -21.26
CA ASN A 68 -1.73 -17.39 -20.80
C ASN A 68 -2.77 -16.99 -19.71
N ALA A 69 -2.55 -15.85 -19.08
CA ALA A 69 -3.45 -15.37 -18.02
C ALA A 69 -4.65 -14.63 -18.64
N VAL A 70 -4.36 -13.89 -19.72
CA VAL A 70 -5.39 -13.14 -20.45
C VAL A 70 -6.38 -14.12 -21.03
N ALA A 71 -5.82 -15.25 -21.41
CA ALA A 71 -6.59 -16.34 -21.96
C ALA A 71 -7.60 -16.75 -20.92
N HIS A 72 -7.06 -17.40 -19.91
CA HIS A 72 -7.83 -17.88 -18.78
C HIS A 72 -8.00 -16.75 -17.79
N VAL A 73 -8.33 -15.61 -18.32
CA VAL A 73 -8.56 -14.44 -17.52
C VAL A 73 -9.68 -14.78 -16.54
N ASP A 74 -10.41 -15.83 -16.92
CA ASP A 74 -11.56 -16.31 -16.13
C ASP A 74 -11.11 -17.17 -14.94
N ASP A 75 -9.97 -17.81 -15.04
CA ASP A 75 -9.46 -18.61 -13.92
C ASP A 75 -7.96 -18.52 -13.82
N MET A 76 -7.48 -17.34 -13.53
CA MET A 76 -6.04 -17.17 -13.38
C MET A 76 -5.56 -17.87 -12.10
N PRO A 77 -6.39 -18.14 -11.03
CA PRO A 77 -5.86 -18.80 -9.84
C PRO A 77 -5.24 -20.13 -10.21
N ASN A 78 -5.89 -20.90 -11.05
CA ASN A 78 -5.33 -22.20 -11.50
C ASN A 78 -4.27 -21.92 -12.57
N ALA A 79 -4.60 -20.98 -13.43
CA ALA A 79 -3.75 -20.59 -14.55
C ALA A 79 -2.33 -20.15 -14.06
N LEU A 80 -2.14 -19.93 -12.73
CA LEU A 80 -0.80 -19.44 -12.31
C LEU A 80 -0.17 -20.13 -11.08
N SER A 81 -0.84 -21.21 -10.62
CA SER A 81 -0.42 -22.02 -9.46
C SER A 81 1.09 -22.20 -9.36
N ALA A 82 1.71 -22.43 -10.49
CA ALA A 82 3.14 -22.53 -10.48
C ALA A 82 3.88 -21.22 -10.06
N LEU A 83 3.79 -20.26 -10.95
CA LEU A 83 4.42 -18.99 -10.78
C LEU A 83 4.13 -18.45 -9.36
N SER A 84 2.89 -18.69 -8.93
CA SER A 84 2.41 -18.29 -7.61
C SER A 84 3.29 -18.90 -6.56
N ASP A 85 3.47 -20.20 -6.63
CA ASP A 85 4.32 -20.86 -5.67
C ASP A 85 5.74 -20.25 -5.75
N LEU A 86 6.19 -20.05 -6.97
CA LEU A 86 7.55 -19.60 -7.21
C LEU A 86 7.84 -18.22 -6.69
N HIS A 87 6.85 -17.37 -6.86
CA HIS A 87 7.02 -15.99 -6.42
C HIS A 87 6.91 -15.88 -4.92
N ALA A 88 5.87 -16.49 -4.38
CA ALA A 88 5.65 -16.50 -2.95
C ALA A 88 6.68 -17.29 -2.16
N HIS A 89 6.63 -18.58 -2.30
CA HIS A 89 7.51 -19.47 -1.54
C HIS A 89 8.99 -19.44 -1.95
N LYS A 90 9.28 -19.62 -3.20
CA LYS A 90 10.71 -19.65 -3.61
C LYS A 90 11.41 -18.29 -3.52
N LEU A 91 10.86 -17.34 -4.25
CA LEU A 91 11.42 -15.99 -4.37
C LEU A 91 11.05 -15.06 -3.20
N ARG A 92 9.93 -15.31 -2.58
CA ARG A 92 9.49 -14.46 -1.47
C ARG A 92 9.66 -13.00 -1.88
N VAL A 93 9.16 -12.69 -3.08
CA VAL A 93 9.23 -11.33 -3.61
C VAL A 93 8.29 -10.48 -2.76
N ASP A 94 8.74 -9.30 -2.44
CA ASP A 94 7.85 -8.46 -1.67
C ASP A 94 6.64 -8.01 -2.50
N PRO A 95 5.49 -8.17 -1.95
CA PRO A 95 4.30 -7.81 -2.68
C PRO A 95 4.17 -6.39 -3.24
N VAL A 96 5.03 -5.54 -2.73
CA VAL A 96 5.06 -4.17 -3.14
C VAL A 96 5.55 -4.10 -4.58
N ASN A 97 6.59 -4.87 -4.92
CA ASN A 97 7.23 -4.94 -6.25
C ASN A 97 6.34 -5.20 -7.48
N PHE A 98 5.15 -5.76 -7.20
CA PHE A 98 4.16 -6.13 -8.22
C PHE A 98 3.55 -4.86 -8.75
N LYS A 99 3.22 -3.99 -7.81
CA LYS A 99 2.68 -2.71 -8.14
C LYS A 99 3.54 -1.82 -8.95
N LEU A 100 4.83 -2.08 -9.00
CA LEU A 100 5.83 -1.26 -9.66
C LEU A 100 6.00 -1.76 -11.05
N LEU A 101 5.93 -3.08 -11.20
CA LEU A 101 5.99 -3.72 -12.47
C LEU A 101 4.73 -3.50 -13.32
N SER A 102 3.59 -3.71 -12.72
CA SER A 102 2.32 -3.41 -13.38
C SER A 102 2.28 -1.96 -13.98
N HIS A 103 2.80 -1.02 -13.21
CA HIS A 103 2.91 0.36 -13.55
C HIS A 103 3.79 0.49 -14.69
N CYS A 104 4.95 -0.19 -14.71
CA CYS A 104 5.86 -0.10 -15.89
C CYS A 104 5.44 -0.95 -17.07
N LEU A 105 4.36 -1.69 -16.93
CA LEU A 105 3.81 -2.48 -17.99
C LEU A 105 2.71 -1.59 -18.67
N LEU A 106 1.94 -0.97 -17.79
CA LEU A 106 0.94 0.03 -18.18
C LEU A 106 1.44 1.12 -19.18
N VAL A 107 2.53 1.77 -18.75
CA VAL A 107 3.47 2.78 -19.27
C VAL A 107 4.16 2.24 -20.52
N THR A 108 4.34 0.90 -20.68
CA THR A 108 4.85 0.28 -21.94
C THR A 108 3.66 0.16 -23.00
N LEU A 109 2.53 -0.42 -22.55
CA LEU A 109 1.31 -0.53 -23.34
C LEU A 109 0.92 0.83 -23.97
N ALA A 110 0.68 1.78 -23.10
CA ALA A 110 0.38 3.15 -23.41
C ALA A 110 1.42 3.60 -24.37
N ALA A 111 2.68 3.23 -24.19
CA ALA A 111 3.73 3.74 -25.12
C ALA A 111 3.54 3.19 -26.48
N HIS A 112 2.90 2.06 -26.55
CA HIS A 112 2.82 1.49 -27.83
C HIS A 112 1.40 1.38 -28.35
N LEU A 113 0.41 2.08 -27.76
CA LEU A 113 -0.99 2.06 -28.23
C LEU A 113 -1.83 3.31 -28.12
N PRO A 114 -1.32 4.35 -28.74
CA PRO A 114 -1.92 5.67 -28.77
C PRO A 114 -3.37 5.75 -29.19
N ALA A 115 -3.66 5.20 -30.36
CA ALA A 115 -5.04 5.27 -30.77
C ALA A 115 -5.94 4.50 -29.75
N GLU A 116 -5.34 3.45 -29.15
CA GLU A 116 -6.08 2.47 -28.27
C GLU A 116 -6.01 2.64 -26.69
N PHE A 117 -5.10 3.43 -26.12
CA PHE A 117 -5.03 3.57 -24.60
C PHE A 117 -5.92 4.71 -24.07
N THR A 118 -7.21 4.43 -24.14
CA THR A 118 -8.35 5.30 -23.73
C THR A 118 -8.50 5.41 -22.23
N PRO A 119 -9.03 6.48 -21.54
CA PRO A 119 -9.22 6.32 -20.11
C PRO A 119 -10.15 5.05 -19.86
N ALA A 120 -10.73 4.20 -20.41
CA ALA A 120 -11.60 2.97 -20.12
C ALA A 120 -10.68 1.74 -20.11
N VAL A 121 -9.90 1.66 -21.18
CA VAL A 121 -8.92 0.59 -21.39
C VAL A 121 -7.77 0.70 -20.38
N HIS A 122 -7.42 1.94 -20.09
CA HIS A 122 -6.37 2.25 -19.12
C HIS A 122 -6.77 1.61 -17.84
N ALA A 123 -8.03 1.70 -17.63
CA ALA A 123 -8.64 1.22 -16.44
C ALA A 123 -8.73 -0.32 -16.32
N SER A 124 -9.30 -0.93 -17.35
CA SER A 124 -9.45 -2.39 -17.41
C SER A 124 -8.08 -3.08 -17.28
N LEU A 125 -7.12 -2.57 -18.03
CA LEU A 125 -5.76 -3.10 -17.99
C LEU A 125 -5.22 -3.00 -16.58
N ASP A 126 -5.47 -1.84 -15.95
CA ASP A 126 -5.03 -1.62 -14.60
C ASP A 126 -5.65 -2.66 -13.67
N LYS A 127 -6.95 -2.95 -13.83
CA LYS A 127 -7.61 -3.94 -12.97
C LYS A 127 -7.09 -5.39 -13.08
N PHE A 128 -6.88 -5.84 -14.30
CA PHE A 128 -6.42 -7.18 -14.57
C PHE A 128 -4.98 -7.53 -14.09
N LEU A 129 -4.10 -6.54 -14.15
CA LEU A 129 -2.71 -6.74 -13.75
C LEU A 129 -2.76 -6.89 -12.25
N ALA A 130 -3.67 -6.16 -11.62
CA ALA A 130 -3.86 -6.25 -10.16
C ALA A 130 -4.39 -7.63 -9.85
N SER A 131 -5.26 -8.09 -10.73
CA SER A 131 -5.83 -9.41 -10.58
C SER A 131 -4.69 -10.40 -10.57
N VAL A 132 -3.88 -10.23 -11.56
CA VAL A 132 -2.73 -11.06 -11.77
C VAL A 132 -1.85 -11.04 -10.52
N SER A 133 -1.56 -9.85 -10.06
CA SER A 133 -0.69 -9.65 -8.91
C SER A 133 -1.24 -10.35 -7.66
N THR A 134 -2.53 -10.23 -7.47
CA THR A 134 -3.22 -10.85 -6.31
C THR A 134 -2.84 -12.34 -6.25
N VAL A 135 -3.15 -13.01 -7.34
CA VAL A 135 -2.87 -14.45 -7.52
C VAL A 135 -1.42 -14.78 -7.21
N LEU A 136 -0.58 -14.08 -7.91
CA LEU A 136 0.86 -14.24 -7.80
C LEU A 136 1.34 -14.08 -6.34
N THR A 137 0.51 -13.45 -5.50
CA THR A 137 0.89 -13.27 -4.07
C THR A 137 -0.15 -13.82 -3.12
N SER A 138 -0.97 -14.71 -3.63
CA SER A 138 -2.05 -15.22 -2.82
C SER A 138 -1.54 -16.23 -1.82
N LYS A 139 -0.41 -16.84 -2.16
CA LYS A 139 0.19 -17.84 -1.29
C LYS A 139 0.66 -17.20 0.02
N TYR A 140 0.73 -15.87 0.04
CA TYR A 140 1.11 -15.12 1.22
C TYR A 140 -0.15 -15.05 2.11
N ARG A 141 -1.10 -15.93 1.77
CA ARG A 141 -2.40 -16.15 2.42
C ARG A 141 -2.60 -17.65 2.77
N VAL B 1 14.05 16.88 -5.82
CA VAL B 1 14.88 15.87 -6.47
C VAL B 1 16.30 16.20 -6.96
N HIS B 2 17.10 15.14 -6.98
CA HIS B 2 18.46 15.17 -7.41
C HIS B 2 18.36 15.41 -8.87
N LEU B 3 18.42 14.30 -9.57
CA LEU B 3 18.37 14.26 -11.02
C LEU B 3 19.71 14.62 -11.56
N THR B 4 20.26 13.80 -12.43
CA THR B 4 21.49 14.24 -13.02
C THR B 4 21.01 15.27 -14.02
N PRO B 5 21.95 15.91 -14.69
CA PRO B 5 21.68 16.98 -15.63
C PRO B 5 21.22 16.55 -16.98
N GLU B 6 21.55 15.32 -17.33
CA GLU B 6 21.10 14.77 -18.59
C GLU B 6 19.64 14.44 -18.28
N GLU B 7 19.35 14.27 -17.00
CA GLU B 7 18.01 14.00 -16.53
C GLU B 7 17.36 15.35 -16.53
N LYS B 8 18.02 16.26 -15.85
CA LYS B 8 17.61 17.65 -15.78
C LYS B 8 17.10 18.19 -17.11
N SER B 9 17.71 17.71 -18.18
CA SER B 9 17.38 18.18 -19.53
C SER B 9 16.24 17.44 -20.22
N ALA B 10 16.22 16.13 -19.99
CA ALA B 10 15.19 15.27 -20.56
C ALA B 10 13.81 15.59 -19.98
N VAL B 11 13.75 15.79 -18.66
CA VAL B 11 12.50 16.11 -18.03
C VAL B 11 11.98 17.34 -18.72
N THR B 12 12.81 18.35 -18.65
CA THR B 12 12.56 19.63 -19.25
C THR B 12 12.10 19.53 -20.71
N ALA B 13 13.07 19.49 -21.62
CA ALA B 13 12.85 19.44 -23.06
C ALA B 13 11.57 18.74 -23.51
N LEU B 14 11.23 17.69 -22.78
CA LEU B 14 10.04 16.94 -23.07
C LEU B 14 8.89 17.73 -22.54
N TRP B 15 9.03 18.18 -21.30
CA TRP B 15 7.99 18.95 -20.67
C TRP B 15 7.64 20.17 -21.51
N GLY B 16 8.54 20.48 -22.44
CA GLY B 16 8.36 21.65 -23.32
C GLY B 16 7.39 21.52 -24.50
N LYS B 17 7.00 20.29 -24.80
CA LYS B 17 6.09 20.04 -25.88
C LYS B 17 4.76 19.61 -25.26
N VAL B 18 4.44 20.06 -24.05
CA VAL B 18 3.19 19.61 -23.41
C VAL B 18 2.03 20.60 -23.52
N ASN B 19 0.93 20.22 -24.17
CA ASN B 19 -0.16 21.18 -24.25
C ASN B 19 -0.78 21.08 -22.89
N VAL B 20 -0.48 22.04 -22.04
CA VAL B 20 -0.93 21.93 -20.68
C VAL B 20 -2.41 21.99 -20.62
N ASP B 21 -2.97 22.77 -21.53
CA ASP B 21 -4.41 22.91 -21.57
C ASP B 21 -5.02 21.53 -21.68
N GLU B 22 -4.21 20.62 -22.24
CA GLU B 22 -4.64 19.27 -22.52
C GLU B 22 -4.27 18.05 -21.64
N VAL B 23 -3.01 17.98 -21.20
CA VAL B 23 -2.51 16.86 -20.40
C VAL B 23 -3.06 16.78 -18.99
N GLY B 24 -3.14 17.98 -18.36
CA GLY B 24 -3.66 18.21 -17.03
C GLY B 24 -5.16 17.82 -16.87
N GLY B 25 -5.85 17.67 -17.99
CA GLY B 25 -7.21 17.15 -17.95
C GLY B 25 -7.18 15.61 -17.99
N GLU B 26 -6.45 15.10 -18.98
CA GLU B 26 -6.25 13.66 -19.16
C GLU B 26 -5.91 13.03 -17.81
N ALA B 27 -4.79 13.49 -17.27
CA ALA B 27 -4.26 13.10 -15.97
C ALA B 27 -5.33 13.24 -14.90
N LEU B 28 -6.01 14.37 -14.72
CA LEU B 28 -6.93 14.50 -13.59
C LEU B 28 -8.21 13.71 -13.80
N GLY B 29 -8.43 13.42 -15.06
CA GLY B 29 -9.59 12.66 -15.46
C GLY B 29 -9.38 11.18 -15.35
N ARG B 30 -8.21 10.72 -15.81
CA ARG B 30 -7.88 9.28 -15.75
C ARG B 30 -7.91 8.74 -14.29
N LEU B 31 -7.27 9.49 -13.38
CA LEU B 31 -7.24 9.34 -11.91
C LEU B 31 -8.63 9.17 -11.49
N LEU B 32 -9.49 10.17 -11.68
CA LEU B 32 -10.88 10.00 -11.23
C LEU B 32 -11.47 8.69 -11.77
N VAL B 33 -11.14 8.37 -13.00
CA VAL B 33 -11.65 7.17 -13.61
C VAL B 33 -10.91 5.89 -13.15
N VAL B 34 -9.60 5.94 -13.00
CA VAL B 34 -8.86 4.73 -12.58
C VAL B 34 -8.93 4.27 -11.10
N TYR B 35 -8.95 5.26 -10.20
CA TYR B 35 -8.94 5.12 -8.75
C TYR B 35 -10.05 5.99 -8.29
N PRO B 36 -11.20 5.41 -8.54
CA PRO B 36 -12.57 5.86 -8.27
C PRO B 36 -12.91 6.44 -6.91
N TRP B 37 -12.31 5.93 -5.84
CA TRP B 37 -12.62 6.48 -4.54
C TRP B 37 -12.17 7.96 -4.48
N THR B 38 -11.26 8.36 -5.39
CA THR B 38 -10.73 9.72 -5.45
C THR B 38 -11.90 10.65 -5.78
N GLN B 39 -12.97 10.09 -6.27
CA GLN B 39 -14.08 10.96 -6.62
C GLN B 39 -14.69 11.77 -5.47
N ARG B 40 -14.72 11.16 -4.29
CA ARG B 40 -15.37 11.85 -3.18
C ARG B 40 -14.88 13.28 -2.95
N PHE B 41 -13.72 13.55 -3.51
CA PHE B 41 -13.19 14.87 -3.27
C PHE B 41 -13.80 15.87 -4.22
N PHE B 42 -14.17 15.39 -5.39
CA PHE B 42 -14.68 16.29 -6.42
C PHE B 42 -16.13 16.01 -6.71
N GLU B 43 -16.90 15.88 -5.65
CA GLU B 43 -18.32 15.60 -5.83
C GLU B 43 -18.96 16.81 -6.52
N SER B 44 -18.41 17.96 -6.15
CA SER B 44 -18.78 19.27 -6.65
C SER B 44 -18.69 19.43 -8.15
N PHE B 45 -17.73 18.77 -8.80
CA PHE B 45 -17.65 18.91 -10.24
C PHE B 45 -18.85 18.45 -11.03
N GLY B 46 -19.70 17.64 -10.39
CA GLY B 46 -20.88 17.09 -11.05
C GLY B 46 -20.75 15.61 -11.48
N ASP B 47 -21.38 15.31 -12.63
CA ASP B 47 -21.42 13.98 -13.28
C ASP B 47 -19.99 13.53 -13.67
N LEU B 48 -19.62 12.42 -13.04
CA LEU B 48 -18.32 11.77 -13.16
C LEU B 48 -18.66 10.29 -13.35
N SER B 49 -19.91 10.05 -13.70
CA SER B 49 -20.50 8.73 -13.87
C SER B 49 -19.68 7.84 -14.77
N THR B 50 -19.46 8.32 -15.96
CA THR B 50 -18.73 7.50 -16.89
C THR B 50 -17.41 8.15 -17.12
N PRO B 51 -16.62 7.48 -17.96
CA PRO B 51 -15.28 7.96 -18.26
C PRO B 51 -15.54 9.10 -19.19
N ASP B 52 -16.49 8.91 -20.09
CA ASP B 52 -16.76 9.96 -21.04
C ASP B 52 -17.30 11.16 -20.28
N ALA B 53 -17.98 10.84 -19.18
CA ALA B 53 -18.56 11.86 -18.35
C ALA B 53 -17.43 12.64 -17.75
N VAL B 54 -16.53 11.88 -17.16
CA VAL B 54 -15.36 12.42 -16.46
C VAL B 54 -14.57 13.28 -17.45
N MET B 55 -14.28 12.64 -18.58
CA MET B 55 -13.50 13.21 -19.69
C MET B 55 -14.13 14.49 -20.26
N GLY B 56 -15.45 14.44 -20.44
CA GLY B 56 -16.15 15.63 -20.90
C GLY B 56 -16.45 16.63 -19.77
N ASN B 57 -15.92 16.41 -18.58
CA ASN B 57 -16.23 17.34 -17.52
C ASN B 57 -15.25 18.52 -17.53
N PRO B 58 -15.80 19.65 -17.96
CA PRO B 58 -15.08 20.89 -18.15
C PRO B 58 -14.48 21.32 -16.89
N LYS B 59 -15.07 20.86 -15.80
CA LYS B 59 -14.62 21.27 -14.48
C LYS B 59 -13.41 20.44 -14.33
N VAL B 60 -13.56 19.13 -14.60
CA VAL B 60 -12.42 18.20 -14.53
C VAL B 60 -11.25 18.81 -15.33
N LYS B 61 -11.63 19.29 -16.52
CA LYS B 61 -10.75 19.93 -17.51
C LYS B 61 -10.05 21.17 -16.94
N ALA B 62 -10.85 22.13 -16.50
CA ALA B 62 -10.24 23.34 -15.99
C ALA B 62 -9.30 23.08 -14.82
N HIS B 63 -9.62 22.06 -13.99
CA HIS B 63 -8.83 21.79 -12.79
C HIS B 63 -7.42 21.18 -13.02
N GLY B 64 -7.42 20.16 -13.91
CA GLY B 64 -6.21 19.46 -14.33
C GLY B 64 -5.26 20.55 -14.84
N LYS B 65 -5.88 21.59 -15.36
CA LYS B 65 -5.08 22.71 -15.81
C LYS B 65 -4.25 23.27 -14.60
N LYS B 66 -5.01 23.51 -13.53
CA LYS B 66 -4.51 24.06 -12.30
C LYS B 66 -3.42 23.20 -11.78
N VAL B 67 -3.66 21.89 -11.78
CA VAL B 67 -2.64 20.94 -11.30
C VAL B 67 -1.30 20.98 -12.05
N LEU B 68 -1.34 20.72 -13.36
CA LEU B 68 -0.14 20.70 -14.16
C LEU B 68 0.58 22.04 -14.00
N GLY B 69 -0.22 23.10 -13.91
CA GLY B 69 0.32 24.47 -13.75
C GLY B 69 1.18 24.53 -12.50
N ALA B 70 0.75 23.78 -11.50
CA ALA B 70 1.52 23.68 -10.28
C ALA B 70 2.75 22.81 -10.63
N PHE B 71 2.54 21.73 -11.38
CA PHE B 71 3.65 20.87 -11.78
C PHE B 71 4.86 21.57 -12.43
N SER B 72 4.54 22.52 -13.30
CA SER B 72 5.53 23.27 -14.06
C SER B 72 6.33 24.20 -13.15
N ASP B 73 5.63 24.67 -12.12
CA ASP B 73 6.21 25.57 -11.16
C ASP B 73 7.14 24.68 -10.44
N GLY B 74 6.63 23.56 -9.95
CA GLY B 74 7.47 22.66 -9.18
C GLY B 74 8.60 22.19 -10.07
N LEU B 75 8.21 21.82 -11.27
CA LEU B 75 9.16 21.36 -12.26
C LEU B 75 10.23 22.40 -12.45
N ALA B 76 9.89 23.62 -12.14
CA ALA B 76 10.90 24.63 -12.31
C ALA B 76 11.83 24.76 -11.09
N HIS B 77 11.37 24.32 -9.93
CA HIS B 77 12.18 24.52 -8.75
C HIS B 77 12.51 23.23 -8.04
N LEU B 78 13.01 22.28 -8.85
CA LEU B 78 13.44 20.97 -8.39
C LEU B 78 14.28 21.12 -7.11
N ASP B 79 15.28 21.98 -7.19
CA ASP B 79 16.18 22.33 -6.08
C ASP B 79 15.46 22.52 -4.72
N ASN B 80 14.29 23.17 -4.73
CA ASN B 80 13.56 23.40 -3.50
C ASN B 80 12.07 23.26 -3.69
N LEU B 81 11.67 22.03 -3.91
CA LEU B 81 10.26 21.77 -4.05
C LEU B 81 9.40 22.26 -2.88
N LYS B 82 9.86 22.10 -1.63
CA LYS B 82 9.07 22.53 -0.44
C LYS B 82 8.52 23.96 -0.44
N GLY B 83 9.38 24.89 -0.86
CA GLY B 83 8.99 26.29 -0.95
C GLY B 83 7.72 26.34 -1.76
N THR B 84 7.79 25.80 -2.96
CA THR B 84 6.68 25.78 -3.91
C THR B 84 5.37 25.18 -3.43
N PHE B 85 5.31 23.93 -3.17
CA PHE B 85 4.01 23.36 -2.77
C PHE B 85 3.67 23.75 -1.32
N ALA B 86 4.16 24.95 -0.99
CA ALA B 86 3.97 25.59 0.34
C ALA B 86 2.54 25.43 0.83
N THR B 87 1.73 26.29 0.30
CA THR B 87 0.29 26.39 0.58
C THR B 87 -0.43 25.10 0.15
N LEU B 88 0.12 24.53 -0.91
CA LEU B 88 -0.40 23.29 -1.53
C LEU B 88 -0.65 22.19 -0.52
N SER B 89 0.40 21.86 0.18
CA SER B 89 0.38 20.80 1.19
C SER B 89 -0.65 21.06 2.26
N GLU B 90 -0.61 22.30 2.75
CA GLU B 90 -1.53 22.75 3.77
C GLU B 90 -2.93 22.35 3.30
N LEU B 91 -3.28 22.80 2.12
CA LEU B 91 -4.57 22.47 1.57
C LEU B 91 -4.95 20.99 1.59
N HIS B 92 -4.09 20.15 1.00
CA HIS B 92 -4.36 18.70 0.85
C HIS B 92 -4.30 17.86 2.13
N CYS B 93 -3.21 18.03 2.87
CA CYS B 93 -3.01 17.34 4.12
C CYS B 93 -3.96 17.92 5.16
N ASP B 94 -3.93 19.23 5.28
CA ASP B 94 -4.76 19.95 6.23
C ASP B 94 -6.28 20.17 5.91
N LYS B 95 -6.67 21.16 5.11
CA LYS B 95 -8.11 21.35 4.92
C LYS B 95 -8.81 20.15 4.37
N LEU B 96 -8.24 19.51 3.34
CA LEU B 96 -8.87 18.33 2.72
C LEU B 96 -8.64 16.96 3.33
N HIS B 97 -7.41 16.73 3.78
CA HIS B 97 -7.06 15.45 4.37
C HIS B 97 -7.15 14.44 3.25
N VAL B 98 -6.18 14.46 2.31
CA VAL B 98 -6.15 13.50 1.20
C VAL B 98 -4.95 12.57 1.49
N ASP B 99 -5.17 11.24 1.49
CA ASP B 99 -4.04 10.35 1.76
C ASP B 99 -2.91 10.54 0.74
N PRO B 100 -1.71 10.67 1.29
CA PRO B 100 -0.53 10.88 0.49
C PRO B 100 -0.41 9.86 -0.65
N GLU B 101 -0.91 8.66 -0.40
CA GLU B 101 -0.79 7.61 -1.38
C GLU B 101 -1.37 8.06 -2.73
N ASN B 102 -2.44 8.87 -2.63
CA ASN B 102 -3.16 9.38 -3.77
C ASN B 102 -2.31 10.31 -4.60
N PHE B 103 -1.57 11.12 -3.88
CA PHE B 103 -0.67 12.02 -4.52
C PHE B 103 0.23 11.16 -5.38
N ARG B 104 0.73 10.10 -4.74
CA ARG B 104 1.57 9.13 -5.41
C ARG B 104 0.85 8.72 -6.70
N LEU B 105 -0.44 8.40 -6.57
CA LEU B 105 -1.19 7.99 -7.75
C LEU B 105 -1.32 9.01 -8.89
N LEU B 106 -1.72 10.23 -8.54
CA LEU B 106 -1.85 11.32 -9.48
C LEU B 106 -0.54 11.40 -10.26
N GLY B 107 0.57 11.27 -9.55
CA GLY B 107 1.86 11.28 -10.23
C GLY B 107 1.97 10.15 -11.30
N ASN B 108 1.82 8.90 -10.89
CA ASN B 108 1.95 7.82 -11.85
C ASN B 108 1.03 7.87 -13.07
N VAL B 109 -0.20 8.34 -12.83
CA VAL B 109 -1.07 8.47 -13.96
C VAL B 109 -0.61 9.64 -14.84
N LEU B 110 0.20 10.56 -14.33
CA LEU B 110 0.78 11.71 -15.09
C LEU B 110 2.06 11.20 -15.89
N VAL B 111 2.52 9.98 -15.53
CA VAL B 111 3.63 9.38 -16.29
C VAL B 111 3.07 8.56 -17.40
N CYS B 112 2.09 7.82 -16.94
CA CYS B 112 1.31 7.07 -17.87
C CYS B 112 0.76 7.83 -19.10
N VAL B 113 0.18 8.99 -18.91
CA VAL B 113 -0.28 9.98 -19.89
C VAL B 113 0.94 10.54 -20.66
N LEU B 114 2.09 10.84 -20.04
CA LEU B 114 3.19 11.36 -20.90
C LEU B 114 3.64 10.26 -21.87
N ALA B 115 3.57 9.05 -21.38
CA ALA B 115 3.94 7.95 -22.23
C ALA B 115 2.95 7.93 -23.41
N HIS B 116 1.67 8.22 -23.14
CA HIS B 116 0.69 8.22 -24.22
C HIS B 116 0.96 9.28 -25.29
N HIS B 117 1.31 10.48 -24.90
CA HIS B 117 1.52 11.48 -25.89
C HIS B 117 2.75 11.31 -26.70
N PHE B 118 3.88 11.22 -26.00
CA PHE B 118 5.19 11.08 -26.61
C PHE B 118 5.73 9.75 -27.07
N GLY B 119 4.90 8.72 -27.07
CA GLY B 119 5.30 7.34 -27.50
C GLY B 119 6.75 6.94 -27.24
N LYS B 120 7.47 6.59 -28.29
CA LYS B 120 8.84 6.13 -28.12
C LYS B 120 9.70 7.12 -27.46
N GLU B 121 9.41 8.39 -27.73
CA GLU B 121 10.14 9.51 -27.15
C GLU B 121 10.12 9.41 -25.63
N PHE B 122 9.06 8.86 -25.06
CA PHE B 122 9.09 8.79 -23.62
C PHE B 122 9.95 7.57 -23.35
N THR B 123 11.21 7.77 -23.03
CA THR B 123 12.07 6.60 -22.82
C THR B 123 12.29 6.15 -21.39
N PRO B 124 12.63 4.88 -21.22
CA PRO B 124 12.87 4.30 -19.92
C PRO B 124 13.74 5.21 -19.01
N PRO B 125 14.78 5.77 -19.64
CA PRO B 125 15.63 6.68 -18.87
C PRO B 125 14.76 7.91 -18.61
N VAL B 126 13.99 8.35 -19.60
CA VAL B 126 13.11 9.54 -19.45
C VAL B 126 12.07 9.36 -18.32
N GLN B 127 11.40 8.21 -18.38
CA GLN B 127 10.46 7.86 -17.36
C GLN B 127 11.18 7.91 -16.02
N ALA B 128 12.38 7.35 -16.04
CA ALA B 128 13.17 7.31 -14.82
C ALA B 128 13.22 8.73 -14.15
N ALA B 129 13.68 9.72 -14.93
CA ALA B 129 13.74 11.11 -14.46
C ALA B 129 12.40 11.64 -13.97
N TYR B 130 11.37 11.49 -14.77
CA TYR B 130 10.08 11.98 -14.35
C TYR B 130 9.65 11.37 -13.02
N GLN B 131 9.83 10.04 -12.97
CA GLN B 131 9.52 9.23 -11.80
C GLN B 131 10.09 9.89 -10.53
N LYS B 132 11.30 10.49 -10.70
CA LYS B 132 12.05 11.19 -9.63
C LYS B 132 11.34 12.49 -9.34
N VAL B 133 10.99 13.15 -10.43
CA VAL B 133 10.26 14.38 -10.23
C VAL B 133 8.97 14.12 -9.46
N VAL B 134 8.31 13.05 -9.82
CA VAL B 134 7.02 12.79 -9.22
C VAL B 134 7.00 12.47 -7.72
N ALA B 135 8.02 11.73 -7.36
CA ALA B 135 8.18 11.36 -6.00
C ALA B 135 8.37 12.64 -5.17
N GLY B 136 9.20 13.54 -5.71
CA GLY B 136 9.53 14.79 -5.03
C GLY B 136 8.31 15.62 -4.72
N VAL B 137 7.53 15.86 -5.76
CA VAL B 137 6.33 16.61 -5.64
C VAL B 137 5.42 15.95 -4.63
N ALA B 138 5.25 14.64 -4.77
CA ALA B 138 4.42 13.89 -3.83
C ALA B 138 4.81 14.18 -2.38
N ASN B 139 6.08 13.88 -2.16
CA ASN B 139 6.62 14.04 -0.84
C ASN B 139 6.47 15.46 -0.41
N ALA B 140 6.49 16.37 -1.38
CA ALA B 140 6.40 17.75 -0.99
C ALA B 140 5.00 18.17 -0.54
N LEU B 141 3.97 17.53 -1.08
CA LEU B 141 2.65 17.93 -0.61
C LEU B 141 2.29 17.08 0.56
N ALA B 142 3.18 16.15 0.90
CA ALA B 142 2.98 15.15 1.96
C ALA B 142 3.52 15.42 3.29
N HIS B 143 4.64 15.93 3.33
CA HIS B 143 5.29 16.06 4.56
C HIS B 143 4.61 17.13 5.47
N LYS B 144 3.23 17.20 5.33
CA LYS B 144 2.33 18.14 6.10
C LYS B 144 1.16 17.43 6.82
N TYR B 145 1.22 16.11 6.76
CA TYR B 145 0.38 15.13 7.42
C TYR B 145 1.70 14.46 7.90
N HIS B 146 2.59 15.38 8.31
CA HIS B 146 3.96 15.17 8.84
C HIS B 146 5.11 14.43 8.12
N VAL C 1 -4.84 -19.07 1.10
CA VAL C 1 -5.76 -17.93 1.06
C VAL C 1 -7.12 -18.23 1.68
N LEU C 2 -7.00 -18.48 2.98
CA LEU C 2 -8.10 -18.90 3.82
C LEU C 2 -8.28 -20.40 3.76
N SER C 3 -7.21 -21.05 4.23
CA SER C 3 -7.12 -22.48 4.39
C SER C 3 -8.07 -22.78 5.54
N PRO C 4 -8.28 -24.07 5.79
CA PRO C 4 -9.22 -24.46 6.86
C PRO C 4 -8.67 -24.07 8.21
N ALA C 5 -7.40 -24.41 8.35
CA ALA C 5 -6.62 -24.15 9.53
C ALA C 5 -6.85 -22.69 9.94
N ASP C 6 -7.00 -21.92 8.87
CA ASP C 6 -7.23 -20.46 8.85
C ASP C 6 -8.68 -20.14 9.24
N LYS C 7 -9.56 -20.94 8.67
CA LYS C 7 -11.00 -20.83 8.88
C LYS C 7 -11.38 -21.40 10.26
N THR C 8 -10.49 -22.22 10.77
CA THR C 8 -10.63 -22.93 12.06
C THR C 8 -10.27 -22.06 13.27
N ASN C 9 -9.21 -21.32 13.06
CA ASN C 9 -8.61 -20.42 14.04
C ASN C 9 -9.41 -19.15 14.18
N VAL C 10 -9.87 -18.67 13.04
CA VAL C 10 -10.71 -17.46 12.95
C VAL C 10 -11.88 -17.70 13.86
N LYS C 11 -12.47 -18.83 13.52
CA LYS C 11 -13.63 -19.38 14.19
C LYS C 11 -13.45 -19.36 15.71
N ALA C 12 -12.39 -20.00 16.16
CA ALA C 12 -12.08 -20.09 17.59
C ALA C 12 -12.00 -18.69 18.22
N ALA C 13 -11.12 -17.89 17.66
CA ALA C 13 -10.90 -16.50 18.12
C ALA C 13 -12.25 -15.81 18.28
N TRP C 14 -13.01 -15.78 17.20
CA TRP C 14 -14.32 -15.17 17.23
C TRP C 14 -15.22 -16.00 18.18
N GLY C 15 -14.90 -17.30 18.26
CA GLY C 15 -15.63 -18.28 19.13
C GLY C 15 -15.59 -17.78 20.57
N LYS C 16 -14.37 -17.52 20.99
CA LYS C 16 -14.06 -17.00 22.32
C LYS C 16 -14.40 -15.49 22.41
N VAL C 17 -15.02 -14.92 21.38
CA VAL C 17 -15.38 -13.47 21.39
C VAL C 17 -16.75 -13.25 22.03
N GLY C 18 -17.70 -14.00 21.53
CA GLY C 18 -19.07 -13.98 22.02
C GLY C 18 -19.74 -12.60 21.88
N ALA C 19 -20.48 -12.29 22.95
CA ALA C 19 -21.28 -11.05 23.05
C ALA C 19 -20.43 -9.80 23.25
N HIS C 20 -19.23 -9.98 23.70
CA HIS C 20 -18.33 -8.85 23.89
C HIS C 20 -18.01 -8.28 22.56
N ALA C 21 -18.41 -9.03 21.57
CA ALA C 21 -18.22 -8.61 20.20
C ALA C 21 -18.59 -7.12 19.94
N GLY C 22 -19.82 -6.77 20.28
CA GLY C 22 -20.28 -5.41 20.06
C GLY C 22 -19.34 -4.42 20.71
N GLU C 23 -18.99 -4.73 21.96
CA GLU C 23 -18.11 -3.85 22.71
C GLU C 23 -16.74 -3.91 22.11
N TYR C 24 -16.34 -5.07 21.60
CA TYR C 24 -15.01 -5.18 21.00
C TYR C 24 -14.95 -4.31 19.75
N GLY C 25 -16.00 -4.41 18.91
CA GLY C 25 -16.14 -3.62 17.66
C GLY C 25 -16.13 -2.12 18.03
N ALA C 26 -16.80 -1.79 19.12
CA ALA C 26 -16.79 -0.41 19.50
C ALA C 26 -15.37 0.01 19.88
N GLU C 27 -14.66 -0.88 20.54
CA GLU C 27 -13.33 -0.55 21.01
C GLU C 27 -12.33 -0.30 19.91
N ALA C 28 -12.53 -1.01 18.81
CA ALA C 28 -11.63 -0.85 17.69
C ALA C 28 -11.92 0.52 17.06
N LEU C 29 -13.20 0.85 16.83
CA LEU C 29 -13.49 2.19 16.25
C LEU C 29 -12.82 3.29 17.00
N GLU C 30 -13.04 3.26 18.30
CA GLU C 30 -12.42 4.16 19.22
C GLU C 30 -10.88 4.19 19.21
N ARG C 31 -10.25 3.06 18.95
CA ARG C 31 -8.79 3.05 18.87
C ARG C 31 -8.39 3.64 17.49
N MET C 32 -9.21 3.37 16.48
CA MET C 32 -8.95 3.88 15.15
C MET C 32 -9.12 5.41 15.04
N PHE C 33 -10.23 5.98 15.55
CA PHE C 33 -10.37 7.43 15.47
C PHE C 33 -9.25 7.94 16.35
N LEU C 34 -8.91 7.24 17.44
CA LEU C 34 -7.80 7.73 18.32
C LEU C 34 -6.40 7.83 17.66
N SER C 35 -5.92 6.69 17.15
CA SER C 35 -4.64 6.64 16.47
C SER C 35 -4.77 7.08 15.00
N PHE C 36 -5.96 7.10 14.40
CA PHE C 36 -6.00 7.48 13.01
C PHE C 36 -7.00 8.54 12.69
N PRO C 37 -6.92 9.62 13.44
CA PRO C 37 -7.81 10.81 13.46
C PRO C 37 -8.53 11.13 12.13
N THR C 38 -7.75 11.18 11.06
CA THR C 38 -8.31 11.42 9.74
C THR C 38 -9.56 10.64 9.43
N THR C 39 -9.60 9.41 9.92
CA THR C 39 -10.69 8.54 9.69
C THR C 39 -11.94 9.15 10.16
N LYS C 40 -11.74 10.07 11.11
CA LYS C 40 -12.86 10.75 11.80
C LYS C 40 -13.69 11.42 10.73
N THR C 41 -12.97 11.82 9.70
CA THR C 41 -13.48 12.48 8.51
C THR C 41 -14.68 11.85 7.77
N TYR C 42 -14.94 10.58 8.03
CA TYR C 42 -16.06 9.98 7.39
C TYR C 42 -17.24 9.97 8.30
N PHE C 43 -17.03 10.33 9.57
CA PHE C 43 -18.09 10.24 10.56
C PHE C 43 -18.45 11.58 11.15
N PRO C 44 -18.82 12.52 10.31
CA PRO C 44 -19.14 13.84 10.76
C PRO C 44 -20.51 13.99 11.43
N HIS C 45 -21.43 13.10 11.10
CA HIS C 45 -22.76 13.15 11.73
C HIS C 45 -22.66 12.27 12.98
N PHE C 46 -21.53 12.31 13.67
CA PHE C 46 -21.31 11.40 14.77
C PHE C 46 -20.69 12.05 15.89
N ASP C 47 -21.11 11.55 17.05
CA ASP C 47 -20.63 11.96 18.37
C ASP C 47 -19.43 11.07 18.48
N LEU C 48 -18.24 11.65 18.44
CA LEU C 48 -17.07 10.79 18.47
C LEU C 48 -16.27 10.97 19.71
N SER C 49 -17.00 11.26 20.78
CA SER C 49 -16.37 11.43 22.07
C SER C 49 -16.35 10.05 22.70
N HIS C 50 -15.60 9.94 23.79
CA HIS C 50 -15.41 8.68 24.50
C HIS C 50 -16.55 7.69 24.72
N GLY C 51 -17.75 8.15 25.03
CA GLY C 51 -18.82 7.18 25.26
C GLY C 51 -19.92 7.20 24.20
N SER C 52 -19.60 7.66 23.00
CA SER C 52 -20.61 7.76 21.97
C SER C 52 -21.50 6.54 21.78
N ALA C 53 -22.71 6.67 22.27
CA ALA C 53 -23.71 5.64 22.11
C ALA C 53 -23.84 5.27 20.65
N GLN C 54 -23.35 6.18 19.82
CA GLN C 54 -23.41 6.09 18.38
C GLN C 54 -22.30 5.15 18.03
N VAL C 55 -21.12 5.55 18.54
CA VAL C 55 -19.94 4.75 18.37
C VAL C 55 -20.26 3.36 18.92
N LYS C 56 -21.00 3.32 20.02
CA LYS C 56 -21.40 2.06 20.65
C LYS C 56 -22.27 1.23 19.72
N GLY C 57 -23.19 1.92 19.06
CA GLY C 57 -24.14 1.28 18.19
C GLY C 57 -23.47 0.78 16.94
N HIS C 58 -22.49 1.53 16.44
CA HIS C 58 -21.75 1.13 15.24
C HIS C 58 -20.88 -0.13 15.54
N GLY C 59 -20.00 -0.02 16.57
CA GLY C 59 -19.09 -1.06 17.04
C GLY C 59 -19.82 -2.41 17.06
N LYS C 60 -21.12 -2.26 17.26
CA LYS C 60 -21.99 -3.40 17.30
C LYS C 60 -22.21 -3.89 15.88
N LYS C 61 -22.78 -3.00 15.09
CA LYS C 61 -23.05 -3.25 13.68
C LYS C 61 -21.86 -3.91 12.97
N VAL C 62 -20.68 -3.24 13.04
CA VAL C 62 -19.44 -3.73 12.43
C VAL C 62 -19.15 -5.15 12.88
N ALA C 63 -19.12 -5.33 14.21
CA ALA C 63 -18.84 -6.66 14.76
C ALA C 63 -19.87 -7.68 14.19
N ASP C 64 -21.11 -7.23 14.20
CA ASP C 64 -22.18 -8.07 13.71
C ASP C 64 -21.77 -8.47 12.29
N ALA C 65 -21.33 -7.48 11.50
CA ALA C 65 -20.95 -7.84 10.15
C ALA C 65 -19.84 -8.90 10.12
N LEU C 66 -18.85 -8.75 11.00
CA LEU C 66 -17.77 -9.74 11.06
C LEU C 66 -18.26 -11.14 11.42
N THR C 67 -19.18 -11.22 12.39
CA THR C 67 -19.66 -12.51 12.80
C THR C 67 -20.24 -13.34 11.66
N ASN C 68 -20.94 -12.57 10.84
CA ASN C 68 -21.65 -13.03 9.65
C ASN C 68 -20.60 -13.57 8.70
N ALA C 69 -19.63 -12.71 8.45
CA ALA C 69 -18.55 -13.02 7.54
C ALA C 69 -17.83 -14.26 8.03
N VAL C 70 -17.68 -14.29 9.33
CA VAL C 70 -16.99 -15.40 9.87
C VAL C 70 -17.89 -16.57 9.53
N ALA C 71 -19.16 -16.44 9.85
CA ALA C 71 -20.09 -17.50 9.52
C ALA C 71 -20.11 -17.99 8.04
N HIS C 72 -19.93 -17.09 7.06
CA HIS C 72 -19.92 -17.43 5.61
C HIS C 72 -18.52 -17.17 5.05
N VAL C 73 -17.53 -17.69 5.74
CA VAL C 73 -16.16 -17.49 5.33
C VAL C 73 -15.86 -17.88 3.87
N ASP C 74 -16.42 -19.00 3.44
CA ASP C 74 -16.14 -19.43 2.08
C ASP C 74 -17.06 -18.81 1.02
N ASP C 75 -17.78 -17.78 1.44
CA ASP C 75 -18.73 -17.08 0.59
C ASP C 75 -18.78 -15.63 1.01
N MET C 76 -17.64 -15.07 1.36
CA MET C 76 -17.81 -13.70 1.76
C MET C 76 -18.30 -12.72 0.70
N PRO C 77 -17.73 -12.76 -0.52
CA PRO C 77 -18.08 -11.79 -1.59
C PRO C 77 -19.55 -11.61 -1.61
N ASN C 78 -20.21 -12.75 -1.48
CA ASN C 78 -21.63 -12.76 -1.45
C ASN C 78 -22.24 -12.39 -0.11
N ALA C 79 -21.77 -12.96 0.99
CA ALA C 79 -22.36 -12.55 2.28
C ALA C 79 -22.28 -11.00 2.53
N LEU C 80 -21.16 -10.40 2.11
CA LEU C 80 -20.79 -8.98 2.24
C LEU C 80 -21.13 -8.00 1.10
N SER C 81 -21.89 -8.47 0.11
CA SER C 81 -22.26 -7.70 -1.08
C SER C 81 -22.64 -6.25 -0.82
N ALA C 82 -23.76 -6.16 -0.15
CA ALA C 82 -24.38 -4.93 0.27
C ALA C 82 -23.45 -3.79 0.70
N LEU C 83 -22.49 -4.17 1.54
CA LEU C 83 -21.54 -3.26 2.15
C LEU C 83 -20.51 -2.80 1.12
N SER C 84 -20.13 -3.76 0.28
CA SER C 84 -19.23 -3.44 -0.81
C SER C 84 -19.72 -2.18 -1.58
N ASP C 85 -21.04 -2.04 -1.76
CA ASP C 85 -21.81 -0.97 -2.46
C ASP C 85 -21.91 0.32 -1.59
N LEU C 86 -22.08 0.04 -0.30
CA LEU C 86 -22.07 0.99 0.73
C LEU C 86 -20.68 1.63 0.78
N HIS C 87 -19.67 0.78 0.82
CA HIS C 87 -18.34 1.33 1.01
C HIS C 87 -17.63 1.99 -0.20
N ALA C 88 -17.50 1.23 -1.29
CA ALA C 88 -17.01 1.65 -2.62
C ALA C 88 -17.85 2.80 -3.19
N HIS C 89 -19.01 2.45 -3.71
CA HIS C 89 -19.92 3.39 -4.32
C HIS C 89 -20.52 4.46 -3.44
N LYS C 90 -21.01 4.05 -2.29
CA LYS C 90 -21.66 5.05 -1.50
C LYS C 90 -20.67 5.85 -0.70
N LEU C 91 -19.96 5.20 0.18
CA LEU C 91 -19.05 5.97 1.00
C LEU C 91 -17.77 6.37 0.29
N ARG C 92 -17.37 5.59 -0.71
CA ARG C 92 -16.13 5.93 -1.38
C ARG C 92 -14.91 5.99 -0.40
N VAL C 93 -14.86 5.10 0.60
CA VAL C 93 -13.71 5.06 1.52
C VAL C 93 -12.40 4.77 0.76
N ASP C 94 -11.41 5.54 1.08
CA ASP C 94 -10.10 5.28 0.49
C ASP C 94 -9.73 3.90 1.09
N PRO C 95 -9.48 2.98 0.19
CA PRO C 95 -9.14 1.58 0.52
C PRO C 95 -8.12 1.45 1.64
N VAL C 96 -7.29 2.47 1.76
CA VAL C 96 -6.30 2.49 2.82
C VAL C 96 -6.85 2.29 4.23
N ASN C 97 -7.87 3.08 4.54
CA ASN C 97 -8.53 3.06 5.83
C ASN C 97 -8.85 1.62 6.24
N PHE C 98 -9.12 0.77 5.26
CA PHE C 98 -9.35 -0.62 5.67
C PHE C 98 -8.17 -1.18 6.45
N LYS C 99 -6.93 -0.98 5.99
CA LYS C 99 -5.80 -1.50 6.76
C LYS C 99 -5.77 -0.95 8.19
N LEU C 100 -6.08 0.33 8.37
CA LEU C 100 -6.11 0.88 9.75
C LEU C 100 -7.05 0.21 10.77
N LEU C 101 -8.28 -0.06 10.34
CA LEU C 101 -9.32 -0.69 11.15
C LEU C 101 -8.99 -2.13 11.53
N SER C 102 -8.48 -2.91 10.58
CA SER C 102 -8.07 -4.30 10.87
C SER C 102 -6.93 -4.28 11.90
N HIS C 103 -5.98 -3.38 11.67
CA HIS C 103 -4.92 -3.23 12.66
C HIS C 103 -5.50 -2.93 14.02
N CYS C 104 -6.55 -2.10 14.05
CA CYS C 104 -7.21 -1.77 15.29
C CYS C 104 -7.97 -2.95 15.88
N LEU C 105 -8.76 -3.63 15.07
CA LEU C 105 -9.47 -4.82 15.50
C LEU C 105 -8.50 -5.84 16.08
N LEU C 106 -7.35 -5.97 15.43
CA LEU C 106 -6.35 -6.97 15.83
C LEU C 106 -5.84 -6.67 17.21
N VAL C 107 -5.49 -5.41 17.36
CA VAL C 107 -4.93 -4.92 18.58
C VAL C 107 -5.90 -5.07 19.73
N THR C 108 -7.21 -5.15 19.45
CA THR C 108 -8.30 -5.26 20.45
C THR C 108 -8.65 -6.74 20.71
N LEU C 109 -8.47 -7.58 19.67
CA LEU C 109 -8.65 -9.02 19.80
C LEU C 109 -7.51 -9.52 20.70
N ALA C 110 -6.29 -9.16 20.36
CA ALA C 110 -5.13 -9.45 21.24
C ALA C 110 -5.18 -9.00 22.71
N ALA C 111 -5.58 -7.74 22.97
CA ALA C 111 -5.69 -7.08 24.27
C ALA C 111 -6.70 -7.80 25.09
N HIS C 112 -7.72 -8.37 24.45
CA HIS C 112 -8.73 -9.16 25.13
C HIS C 112 -8.52 -10.66 25.11
N LEU C 113 -8.01 -11.20 24.02
CA LEU C 113 -7.86 -12.64 23.90
C LEU C 113 -6.46 -13.22 23.95
N PRO C 114 -5.68 -12.61 24.83
CA PRO C 114 -4.28 -12.95 25.10
C PRO C 114 -3.87 -14.42 24.89
N ALA C 115 -4.60 -15.31 25.55
CA ALA C 115 -4.35 -16.74 25.48
C ALA C 115 -4.48 -17.30 24.06
N GLU C 116 -5.47 -16.79 23.29
CA GLU C 116 -5.76 -17.27 21.92
C GLU C 116 -4.85 -16.56 20.96
N PHE C 117 -4.62 -15.29 21.20
CA PHE C 117 -3.76 -14.58 20.33
C PHE C 117 -2.34 -15.19 20.25
N THR C 118 -2.12 -16.03 19.28
CA THR C 118 -0.84 -16.70 19.06
C THR C 118 -0.44 -16.42 17.63
N PRO C 119 0.86 -16.45 17.36
CA PRO C 119 1.38 -16.08 16.04
C PRO C 119 0.56 -16.65 14.95
N ALA C 120 0.29 -17.93 15.06
CA ALA C 120 -0.48 -18.55 13.98
C ALA C 120 -1.86 -17.97 13.92
N VAL C 121 -2.44 -17.81 15.09
CA VAL C 121 -3.78 -17.29 15.15
C VAL C 121 -3.88 -15.85 14.61
N HIS C 122 -2.93 -15.04 15.04
CA HIS C 122 -2.73 -13.67 14.66
C HIS C 122 -2.59 -13.71 13.10
N ALA C 123 -1.72 -14.60 12.64
CA ALA C 123 -1.51 -14.76 11.20
C ALA C 123 -2.81 -15.10 10.47
N SER C 124 -3.63 -15.98 11.04
CA SER C 124 -4.92 -16.38 10.44
C SER C 124 -6.00 -15.25 10.52
N LEU C 125 -6.03 -14.47 11.60
CA LEU C 125 -7.02 -13.41 11.62
C LEU C 125 -6.67 -12.31 10.60
N ASP C 126 -5.38 -12.00 10.59
CA ASP C 126 -4.88 -11.00 9.70
C ASP C 126 -5.30 -11.34 8.29
N LYS C 127 -5.21 -12.61 7.95
CA LYS C 127 -5.54 -12.99 6.59
C LYS C 127 -7.01 -12.86 6.41
N PHE C 128 -7.75 -13.15 7.46
CA PHE C 128 -9.18 -13.07 7.45
C PHE C 128 -9.64 -11.67 7.20
N LEU C 129 -9.19 -10.80 8.07
CA LEU C 129 -9.62 -9.43 7.96
C LEU C 129 -9.25 -8.96 6.60
N ALA C 130 -8.08 -9.36 6.22
CA ALA C 130 -7.56 -9.02 4.92
C ALA C 130 -8.52 -9.32 3.77
N SER C 131 -9.34 -10.36 3.89
CA SER C 131 -10.27 -10.68 2.81
C SER C 131 -11.50 -9.91 2.93
N VAL C 132 -11.94 -9.77 4.17
CA VAL C 132 -13.15 -9.06 4.44
C VAL C 132 -12.97 -7.75 3.75
N SER C 133 -11.80 -7.19 3.96
CA SER C 133 -11.40 -5.93 3.39
C SER C 133 -11.42 -5.92 1.90
N THR C 134 -10.80 -6.90 1.32
CA THR C 134 -10.71 -6.96 -0.15
C THR C 134 -12.08 -6.96 -0.77
N VAL C 135 -13.00 -7.64 -0.10
CA VAL C 135 -14.32 -7.78 -0.61
C VAL C 135 -15.03 -6.41 -0.47
N LEU C 136 -14.85 -5.77 0.67
CA LEU C 136 -15.50 -4.51 0.84
C LEU C 136 -14.96 -3.47 -0.16
N THR C 137 -13.96 -3.83 -0.99
CA THR C 137 -13.43 -2.88 -1.95
C THR C 137 -13.50 -3.36 -3.39
N SER C 138 -14.05 -4.54 -3.60
CA SER C 138 -14.15 -5.07 -4.95
C SER C 138 -14.79 -4.12 -6.00
N LYS C 139 -15.69 -3.25 -5.54
CA LYS C 139 -16.40 -2.32 -6.40
C LYS C 139 -15.42 -1.35 -7.04
N TYR C 140 -14.26 -1.22 -6.38
CA TYR C 140 -13.17 -0.43 -6.91
C TYR C 140 -12.55 -1.41 -7.92
N ARG C 141 -11.41 -2.04 -7.58
CA ARG C 141 -10.85 -3.04 -8.52
C ARG C 141 -11.53 -4.41 -8.52
N VAL D 1 8.90 12.86 16.65
CA VAL D 1 7.48 13.16 16.78
C VAL D 1 7.12 13.96 18.06
N HIS D 2 6.07 14.77 17.80
CA HIS D 2 5.44 15.79 18.72
C HIS D 2 5.12 15.29 20.15
N LEU D 3 4.05 14.52 20.27
CA LEU D 3 3.63 13.88 21.60
C LEU D 3 3.25 14.86 22.75
N THR D 4 2.17 14.49 23.52
CA THR D 4 1.72 15.30 24.72
C THR D 4 2.55 14.86 25.89
N PRO D 5 2.80 15.71 26.85
CA PRO D 5 3.55 15.28 27.99
C PRO D 5 2.83 14.06 28.71
N GLU D 6 1.47 14.04 28.84
CA GLU D 6 0.76 12.85 29.50
C GLU D 6 0.77 11.69 28.49
N GLU D 7 1.34 12.04 27.35
CA GLU D 7 1.55 11.12 26.24
C GLU D 7 2.98 10.59 26.39
N LYS D 8 3.92 11.51 26.19
CA LYS D 8 5.36 11.24 26.31
C LYS D 8 5.67 10.48 27.60
N SER D 9 4.89 10.75 28.63
CA SER D 9 5.04 10.05 29.91
C SER D 9 4.60 8.60 29.72
N ALA D 10 3.32 8.51 29.54
CA ALA D 10 2.61 7.24 29.37
C ALA D 10 3.32 6.17 28.51
N VAL D 11 3.99 6.59 27.47
CA VAL D 11 4.66 5.65 26.59
C VAL D 11 5.72 5.00 27.48
N THR D 12 6.60 5.90 27.83
CA THR D 12 7.71 5.68 28.72
C THR D 12 7.28 4.94 29.97
N ALA D 13 6.11 5.26 30.45
CA ALA D 13 5.64 4.57 31.62
C ALA D 13 5.54 3.10 31.24
N LEU D 14 4.70 2.80 30.27
CA LEU D 14 4.45 1.44 29.80
C LEU D 14 5.76 0.77 29.39
N TRP D 15 6.66 1.54 28.82
CA TRP D 15 7.82 0.92 28.31
C TRP D 15 8.63 0.31 29.36
N GLY D 16 8.64 1.01 30.45
CA GLY D 16 9.40 0.56 31.60
C GLY D 16 8.92 -0.84 32.05
N LYS D 17 7.69 -1.18 31.72
CA LYS D 17 7.16 -2.48 32.09
C LYS D 17 7.67 -3.60 31.12
N VAL D 18 8.34 -3.18 30.07
CA VAL D 18 8.80 -4.13 29.07
C VAL D 18 10.00 -5.02 29.39
N ASN D 19 9.81 -6.30 29.13
CA ASN D 19 10.88 -7.28 29.26
C ASN D 19 11.59 -7.32 27.94
N VAL D 20 12.46 -6.36 27.78
CA VAL D 20 13.23 -6.23 26.59
C VAL D 20 13.82 -7.52 26.00
N ASP D 21 14.43 -8.38 26.83
CA ASP D 21 15.00 -9.65 26.37
C ASP D 21 13.96 -10.43 25.52
N GLU D 22 12.71 -10.23 25.87
CA GLU D 22 11.67 -10.94 25.21
C GLU D 22 10.94 -10.28 24.06
N VAL D 23 10.33 -9.15 24.36
CA VAL D 23 9.49 -8.46 23.41
C VAL D 23 10.07 -8.36 22.00
N GLY D 24 11.38 -8.12 21.93
CA GLY D 24 12.06 -7.99 20.64
C GLY D 24 11.75 -9.15 19.70
N GLY D 25 11.98 -10.35 20.19
CA GLY D 25 11.67 -11.52 19.40
C GLY D 25 10.19 -11.88 19.14
N GLU D 26 9.29 -11.50 20.06
CA GLU D 26 7.93 -11.86 19.84
C GLU D 26 7.58 -11.03 18.58
N ALA D 27 7.94 -9.77 18.63
CA ALA D 27 7.73 -8.93 17.48
C ALA D 27 8.37 -9.43 16.17
N LEU D 28 9.69 -9.52 16.18
CA LEU D 28 10.41 -9.97 15.00
C LEU D 28 9.90 -11.32 14.46
N GLY D 29 9.62 -12.25 15.35
CA GLY D 29 9.22 -13.59 15.02
C GLY D 29 7.88 -13.42 14.41
N ARG D 30 7.02 -12.69 15.10
CA ARG D 30 5.66 -12.53 14.57
C ARG D 30 5.63 -11.86 13.15
N LEU D 31 6.57 -10.93 12.92
CA LEU D 31 6.71 -10.24 11.65
C LEU D 31 6.97 -11.29 10.55
N LEU D 32 7.92 -12.14 10.87
CA LEU D 32 8.37 -13.20 9.99
C LEU D 32 7.30 -14.23 9.78
N VAL D 33 6.53 -14.48 10.82
CA VAL D 33 5.45 -15.46 10.66
C VAL D 33 4.28 -14.85 9.89
N VAL D 34 3.89 -13.61 10.24
CA VAL D 34 2.76 -12.92 9.62
C VAL D 34 3.01 -12.35 8.20
N TYR D 35 4.26 -11.94 7.92
CA TYR D 35 4.61 -11.38 6.59
C TYR D 35 5.85 -12.08 6.15
N PRO D 36 5.62 -13.33 5.77
CA PRO D 36 6.60 -14.33 5.28
C PRO D 36 7.62 -13.85 4.29
N TRP D 37 7.23 -13.01 3.34
CA TRP D 37 8.24 -12.51 2.40
C TRP D 37 9.39 -11.71 3.10
N THR D 38 9.21 -11.32 4.36
CA THR D 38 10.25 -10.64 5.08
C THR D 38 11.34 -11.67 5.46
N GLN D 39 10.97 -12.93 5.37
CA GLN D 39 11.96 -13.95 5.68
C GLN D 39 13.17 -13.88 4.74
N ARG D 40 12.94 -13.32 3.57
CA ARG D 40 13.98 -13.19 2.58
C ARG D 40 15.22 -12.58 3.21
N PHE D 41 14.96 -11.56 3.98
CA PHE D 41 16.02 -10.85 4.57
C PHE D 41 16.76 -11.61 5.64
N PHE D 42 16.20 -12.73 6.07
CA PHE D 42 16.74 -13.43 7.23
C PHE D 42 16.99 -14.89 7.04
N GLU D 43 17.34 -15.20 5.81
CA GLU D 43 17.57 -16.53 5.34
C GLU D 43 18.62 -17.23 6.19
N SER D 44 19.67 -16.48 6.50
CA SER D 44 20.78 -16.95 7.32
C SER D 44 20.41 -17.35 8.77
N PHE D 45 19.20 -17.05 9.18
CA PHE D 45 18.82 -17.32 10.54
C PHE D 45 18.70 -18.74 11.03
N GLY D 46 18.45 -19.63 10.08
CA GLY D 46 18.26 -21.02 10.43
C GLY D 46 16.93 -21.41 9.90
N ASP D 47 16.18 -22.18 10.69
CA ASP D 47 14.84 -22.63 10.27
C ASP D 47 13.65 -21.77 10.70
N LEU D 48 12.98 -21.31 9.66
CA LEU D 48 11.85 -20.41 9.80
C LEU D 48 10.67 -21.21 9.30
N SER D 49 10.90 -22.50 9.05
CA SER D 49 9.84 -23.40 8.54
C SER D 49 8.48 -23.19 9.14
N THR D 50 8.42 -23.08 10.43
CA THR D 50 7.12 -22.95 11.02
C THR D 50 7.18 -21.82 11.97
N PRO D 51 5.98 -21.52 12.51
CA PRO D 51 5.76 -20.44 13.46
C PRO D 51 6.60 -20.71 14.69
N ASP D 52 6.41 -21.91 15.24
CA ASP D 52 7.12 -22.39 16.41
C ASP D 52 8.61 -22.42 16.09
N ALA D 53 8.94 -22.81 14.85
CA ALA D 53 10.34 -22.90 14.46
C ALA D 53 10.95 -21.51 14.60
N VAL D 54 10.20 -20.57 14.04
CA VAL D 54 10.54 -19.18 13.93
C VAL D 54 10.56 -18.57 15.32
N MET D 55 9.39 -18.62 15.96
CA MET D 55 9.23 -18.10 17.30
C MET D 55 10.31 -18.65 18.25
N GLY D 56 10.87 -19.81 17.95
CA GLY D 56 11.88 -20.42 18.79
C GLY D 56 13.36 -20.25 18.40
N ASN D 57 13.62 -19.89 17.13
CA ASN D 57 14.99 -19.67 16.62
C ASN D 57 15.68 -18.60 17.45
N PRO D 58 16.81 -18.99 18.00
CA PRO D 58 17.71 -18.14 18.82
C PRO D 58 18.33 -16.95 18.11
N LYS D 59 18.50 -17.04 16.78
CA LYS D 59 19.08 -15.92 16.01
C LYS D 59 17.96 -14.89 15.92
N VAL D 60 16.75 -15.40 15.97
CA VAL D 60 15.63 -14.51 15.93
C VAL D 60 15.49 -13.78 17.25
N LYS D 61 15.52 -14.55 18.34
CA LYS D 61 15.38 -13.92 19.65
C LYS D 61 16.56 -12.98 19.97
N ALA D 62 17.72 -13.27 19.41
CA ALA D 62 18.82 -12.43 19.80
C ALA D 62 18.73 -11.09 19.12
N HIS D 63 18.39 -11.13 17.84
CA HIS D 63 18.31 -9.95 17.04
C HIS D 63 17.08 -9.18 17.49
N GLY D 64 16.09 -9.90 18.00
CA GLY D 64 14.85 -9.26 18.53
C GLY D 64 15.34 -8.29 19.65
N LYS D 65 16.43 -8.66 20.31
CA LYS D 65 16.98 -7.77 21.32
C LYS D 65 17.54 -6.50 20.65
N LYS D 66 18.38 -6.69 19.63
CA LYS D 66 18.97 -5.51 19.01
C LYS D 66 17.96 -4.47 18.58
N VAL D 67 16.89 -4.93 17.96
CA VAL D 67 15.83 -4.08 17.46
C VAL D 67 15.05 -3.27 18.48
N LEU D 68 14.71 -3.95 19.58
CA LEU D 68 13.94 -3.36 20.68
C LEU D 68 14.81 -2.29 21.23
N GLY D 69 16.10 -2.61 21.23
CA GLY D 69 17.15 -1.72 21.71
C GLY D 69 17.13 -0.41 20.90
N ALA D 70 16.99 -0.52 19.56
CA ALA D 70 16.83 0.66 18.73
C ALA D 70 15.63 1.47 19.19
N PHE D 71 14.57 0.77 19.55
CA PHE D 71 13.35 1.46 19.99
C PHE D 71 13.59 2.28 21.24
N SER D 72 14.41 1.77 22.12
CA SER D 72 14.68 2.47 23.38
C SER D 72 15.42 3.81 23.13
N ASP D 73 16.37 3.82 22.22
CA ASP D 73 17.10 5.06 21.91
C ASP D 73 16.10 6.13 21.42
N GLY D 74 15.28 5.69 20.49
CA GLY D 74 14.25 6.52 19.88
C GLY D 74 13.37 7.17 20.94
N LEU D 75 13.00 6.39 21.91
CA LEU D 75 12.15 6.85 23.00
C LEU D 75 12.87 7.91 23.80
N ALA D 76 14.14 7.72 23.99
CA ALA D 76 14.94 8.67 24.71
C ALA D 76 15.14 9.90 23.84
N HIS D 77 14.82 9.76 22.57
CA HIS D 77 15.03 10.87 21.61
C HIS D 77 13.82 11.13 20.72
N LEU D 78 12.71 11.43 21.35
CA LEU D 78 11.47 11.64 20.62
C LEU D 78 11.44 12.96 19.85
N ASP D 79 12.59 13.41 19.48
CA ASP D 79 12.69 14.61 18.67
C ASP D 79 13.59 14.27 17.50
N ASN D 80 14.84 14.07 17.82
CA ASN D 80 15.82 13.79 16.79
C ASN D 80 15.86 12.34 16.40
N LEU D 81 14.67 11.93 15.98
CA LEU D 81 14.45 10.60 15.47
C LEU D 81 15.32 10.49 14.24
N LYS D 82 15.15 11.43 13.32
CA LYS D 82 15.95 11.46 12.08
C LYS D 82 17.39 11.26 12.46
N GLY D 83 17.82 12.15 13.35
CA GLY D 83 19.19 12.12 13.81
C GLY D 83 19.46 10.74 14.39
N THR D 84 18.54 10.28 15.24
CA THR D 84 18.72 9.01 15.92
C THR D 84 18.90 7.78 15.00
N PHE D 85 18.12 7.71 13.93
CA PHE D 85 18.18 6.55 13.07
C PHE D 85 18.97 6.68 11.80
N ALA D 86 19.65 7.80 11.62
CA ALA D 86 20.40 8.02 10.39
C ALA D 86 21.24 6.85 9.84
N THR D 87 22.10 6.30 10.69
CA THR D 87 22.95 5.15 10.34
C THR D 87 22.17 3.87 9.98
N LEU D 88 21.11 3.58 10.72
CA LEU D 88 20.32 2.39 10.47
C LEU D 88 19.67 2.56 9.12
N SER D 89 19.14 3.76 8.92
CA SER D 89 18.50 4.11 7.67
C SER D 89 19.41 3.78 6.52
N GLU D 90 20.70 3.88 6.76
CA GLU D 90 21.65 3.61 5.68
C GLU D 90 21.72 2.11 5.42
N LEU D 91 21.92 1.38 6.51
CA LEU D 91 22.01 -0.05 6.42
C LEU D 91 20.78 -0.55 5.68
N HIS D 92 19.64 -0.14 6.24
CA HIS D 92 18.35 -0.52 5.71
C HIS D 92 17.99 -0.16 4.32
N CYS D 93 18.30 1.06 3.89
CA CYS D 93 17.89 1.47 2.57
C CYS D 93 18.94 1.17 1.58
N ASP D 94 20.08 1.76 1.76
CA ASP D 94 21.17 1.60 0.81
C ASP D 94 21.70 0.20 0.65
N LYS D 95 21.89 -0.48 1.76
CA LYS D 95 22.49 -1.78 1.64
C LYS D 95 21.50 -2.94 1.61
N LEU D 96 20.49 -2.93 2.48
CA LEU D 96 19.59 -4.05 2.51
C LEU D 96 18.46 -3.91 1.55
N HIS D 97 18.19 -2.69 1.09
CA HIS D 97 17.04 -2.44 0.23
C HIS D 97 15.67 -3.00 0.69
N VAL D 98 15.38 -2.84 1.99
CA VAL D 98 14.12 -3.30 2.59
C VAL D 98 13.08 -2.27 2.15
N ASP D 99 11.86 -2.63 1.75
CA ASP D 99 10.89 -1.57 1.44
C ASP D 99 10.38 -0.94 2.73
N PRO D 100 10.29 0.37 2.67
CA PRO D 100 9.87 1.18 3.79
C PRO D 100 8.53 0.67 4.30
N GLU D 101 7.75 0.06 3.43
CA GLU D 101 6.47 -0.44 3.89
C GLU D 101 6.69 -1.41 5.01
N ASN D 102 7.81 -2.12 4.94
CA ASN D 102 8.07 -3.10 5.98
C ASN D 102 8.31 -2.59 7.38
N PHE D 103 8.65 -1.31 7.48
CA PHE D 103 8.86 -0.76 8.81
C PHE D 103 7.52 -0.46 9.46
N ARG D 104 6.52 -0.13 8.64
CA ARG D 104 5.28 0.23 9.25
C ARG D 104 4.74 -1.02 9.83
N LEU D 105 4.90 -2.11 9.10
CA LEU D 105 4.51 -3.50 9.38
C LEU D 105 5.17 -4.01 10.64
N LEU D 106 6.44 -3.66 10.82
CA LEU D 106 7.10 -4.03 12.07
C LEU D 106 6.60 -3.31 13.35
N GLY D 107 6.54 -1.97 13.28
CA GLY D 107 6.05 -1.16 14.36
C GLY D 107 4.62 -1.46 14.80
N ASN D 108 3.84 -2.06 13.93
CA ASN D 108 2.41 -2.46 14.03
C ASN D 108 2.21 -3.86 14.64
N VAL D 109 3.22 -4.75 14.44
CA VAL D 109 3.30 -6.02 15.14
C VAL D 109 3.80 -5.87 16.58
N LEU D 110 4.75 -4.98 16.85
CA LEU D 110 5.22 -4.60 18.21
C LEU D 110 4.13 -3.91 19.14
N VAL D 111 3.18 -3.20 18.48
CA VAL D 111 1.98 -2.60 19.01
C VAL D 111 1.02 -3.70 19.38
N CYS D 112 0.76 -4.56 18.42
CA CYS D 112 -0.02 -5.78 18.74
C CYS D 112 0.52 -6.55 20.02
N VAL D 113 1.80 -6.89 19.97
CA VAL D 113 2.63 -7.45 21.01
C VAL D 113 2.45 -6.67 22.31
N LEU D 114 2.82 -5.37 22.38
CA LEU D 114 2.55 -4.58 23.61
C LEU D 114 1.09 -4.81 24.04
N ALA D 115 0.15 -4.71 23.09
CA ALA D 115 -1.26 -4.92 23.45
C ALA D 115 -1.34 -6.26 24.05
N HIS D 116 -0.65 -7.21 23.47
CA HIS D 116 -0.67 -8.56 23.97
C HIS D 116 -0.28 -8.77 25.41
N HIS D 117 0.76 -8.09 25.82
CA HIS D 117 1.18 -8.25 27.15
C HIS D 117 0.41 -7.55 28.19
N PHE D 118 0.05 -6.32 27.88
CA PHE D 118 -0.54 -5.41 28.83
C PHE D 118 -1.97 -5.36 29.01
N GLY D 119 -2.69 -6.04 28.13
CA GLY D 119 -4.15 -6.08 28.27
C GLY D 119 -4.75 -4.68 28.47
N LYS D 120 -5.85 -4.61 29.24
CA LYS D 120 -6.64 -3.39 29.50
C LYS D 120 -5.75 -2.17 29.71
N GLU D 121 -4.58 -2.39 30.30
CA GLU D 121 -3.68 -1.28 30.47
C GLU D 121 -3.21 -0.53 29.18
N PHE D 122 -3.28 -1.16 28.00
CA PHE D 122 -2.85 -0.49 26.77
C PHE D 122 -4.15 0.08 26.20
N THR D 123 -4.68 1.10 26.86
CA THR D 123 -5.91 1.71 26.40
C THR D 123 -5.59 2.31 25.05
N PRO D 124 -6.67 2.85 24.47
CA PRO D 124 -6.64 3.44 23.13
C PRO D 124 -5.75 4.67 23.07
N PRO D 125 -5.78 5.48 24.11
CA PRO D 125 -4.97 6.69 24.17
C PRO D 125 -3.53 6.29 24.23
N VAL D 126 -3.27 5.23 24.98
CA VAL D 126 -1.91 4.69 25.04
C VAL D 126 -1.46 4.23 23.61
N GLN D 127 -2.36 3.51 22.94
CA GLN D 127 -2.04 3.03 21.63
C GLN D 127 -1.60 4.12 20.68
N ALA D 128 -2.45 5.15 20.68
CA ALA D 128 -2.27 6.33 19.86
C ALA D 128 -0.92 6.99 20.10
N ALA D 129 -0.50 7.04 21.36
CA ALA D 129 0.78 7.64 21.62
C ALA D 129 1.82 6.74 20.93
N TYR D 130 1.58 5.44 21.05
CA TYR D 130 2.58 4.51 20.52
C TYR D 130 2.59 4.59 18.98
N GLN D 131 1.39 4.72 18.42
CA GLN D 131 1.20 4.84 16.97
C GLN D 131 2.07 5.99 16.47
N LYS D 132 1.97 7.10 17.20
CA LYS D 132 2.77 8.30 16.89
C LYS D 132 4.24 7.87 16.82
N VAL D 133 4.67 7.29 17.91
CA VAL D 133 6.07 6.89 17.98
C VAL D 133 6.58 6.03 16.79
N VAL D 134 5.93 4.88 16.74
CA VAL D 134 6.23 3.87 15.74
C VAL D 134 6.35 4.51 14.33
N ALA D 135 5.39 5.41 14.04
CA ALA D 135 5.36 6.08 12.75
C ALA D 135 6.59 6.97 12.59
N GLY D 136 6.86 7.79 13.61
CA GLY D 136 8.05 8.65 13.55
C GLY D 136 9.29 7.76 13.27
N VAL D 137 9.34 6.65 13.98
CA VAL D 137 10.47 5.74 13.82
C VAL D 137 10.62 5.29 12.39
N ALA D 138 9.44 5.07 11.78
CA ALA D 138 9.35 4.54 10.43
C ALA D 138 9.88 5.50 9.40
N ASN D 139 9.46 6.76 9.51
CA ASN D 139 9.91 7.82 8.59
C ASN D 139 11.38 7.99 8.77
N ALA D 140 11.72 7.95 10.06
CA ALA D 140 13.10 8.02 10.44
C ALA D 140 13.89 6.90 9.71
N LEU D 141 13.42 5.67 9.83
CA LEU D 141 14.16 4.62 9.18
C LEU D 141 14.24 4.82 7.66
N ALA D 142 13.18 5.36 7.08
CA ALA D 142 13.12 5.56 5.62
C ALA D 142 13.56 6.87 4.91
N HIS D 143 14.16 7.78 5.55
CA HIS D 143 14.79 8.85 5.36
C HIS D 143 15.69 8.89 3.82
N LYS D 144 16.52 7.81 3.93
CA LYS D 144 17.63 7.57 2.92
C LYS D 144 16.95 7.25 1.60
N TYR D 145 15.64 7.09 1.66
CA TYR D 145 14.85 6.83 0.46
C TYR D 145 14.30 8.15 -0.10
N HIS D 146 14.21 9.17 0.76
CA HIS D 146 13.73 10.49 0.36
C HIS D 146 14.96 11.28 -0.11
CHA HEM E . 10.55 -15.53 -12.68
CHB HEM E . 6.22 -14.00 -14.18
CHC HEM E . 6.43 -10.31 -11.13
CHD HEM E . 10.91 -11.58 -9.89
C1A HEM E . 9.37 -15.41 -13.36
C2A HEM E . 8.99 -16.24 -14.47
C3A HEM E . 7.77 -15.85 -14.89
C4A HEM E . 7.36 -14.74 -14.05
CMA HEM E . 6.90 -16.40 -16.03
CAA HEM E . 9.82 -17.40 -15.01
CBA HEM E . 9.26 -18.80 -14.66
CGA HEM E . 10.08 -19.94 -15.15
O1A HEM E . 11.24 -19.67 -15.58
O2A HEM E . 9.53 -21.06 -15.07
C1B HEM E . 5.94 -12.81 -13.55
C2B HEM E . 4.81 -11.93 -13.82
C3B HEM E . 4.89 -10.92 -12.98
C4B HEM E . 6.05 -11.15 -12.14
CMB HEM E . 3.76 -12.21 -14.91
CAB HEM E . 3.99 -9.69 -12.80
CBB HEM E . 2.76 -9.73 -13.32
C1C HEM E . 7.69 -10.29 -10.58
C2C HEM E . 8.18 -9.23 -9.75
C3C HEM E . 9.42 -9.56 -9.40
C4C HEM E . 9.72 -10.87 -9.99
CMC HEM E . 7.33 -7.97 -9.43
CAC HEM E . 10.46 -8.78 -8.54
CBC HEM E . 11.13 -7.80 -9.13
C1D HEM E . 11.28 -12.75 -10.54
C2D HEM E . 12.55 -13.46 -10.49
C3D HEM E . 12.43 -14.53 -11.26
C4D HEM E . 11.10 -14.58 -11.81
CMD HEM E . 13.85 -13.08 -9.73
CAD HEM E . 13.50 -15.59 -11.50
CBD HEM E . 14.20 -15.75 -12.87
CGD HEM E . 15.40 -16.64 -12.72
O1D HEM E . 15.25 -17.66 -11.99
O2D HEM E . 16.45 -16.29 -13.31
NA HEM E . 8.39 -14.45 -13.18
NB HEM E . 6.70 -12.32 -12.50
NC HEM E . 8.63 -11.30 -10.70
ND HEM E . 10.43 -13.44 -11.37
FE HEM E . 8.55 -12.88 -11.97
C CMO F . 9.44 -11.76 -13.15
O CMO F . 9.97 -11.12 -14.08
CHA HEM G . -6.85 21.85 -5.22
CHB HEM G . -2.56 20.86 -7.18
CHC HEM G . -3.15 16.20 -6.00
CHD HEM G . -7.72 17.14 -4.69
C1A HEM G . -5.63 21.98 -5.86
C2A HEM G . -5.14 23.23 -6.42
C3A HEM G . -3.96 22.94 -6.97
C4A HEM G . -3.69 21.53 -6.77
CMA HEM G . -2.97 23.88 -7.70
CAA HEM G . -5.93 24.56 -6.35
CBA HEM G . -5.51 25.69 -5.38
CGA HEM G . -6.20 26.99 -5.63
O1A HEM G . -6.35 27.33 -6.83
O2A HEM G . -6.59 27.66 -4.63
C1B HEM G . -2.33 19.51 -7.03
C2B HEM G . -1.14 18.80 -7.45
C3B HEM G . -1.31 17.51 -7.13
C4B HEM G . -2.60 17.37 -6.49
CMB HEM G . 0.06 19.49 -8.15
CAB HEM G . -0.36 16.31 -7.37
CBB HEM G . -0.38 15.31 -6.49
C1C HEM G . -4.46 16.01 -5.57
C2C HEM G . -5.09 14.75 -5.22
C3C HEM G . -6.34 15.03 -4.86
C4C HEM G . -6.56 16.45 -4.96
CMC HEM G . -4.37 13.38 -5.27
CAC HEM G . -7.45 14.07 -4.37
CBC HEM G . -7.60 12.88 -4.96
C1D HEM G . -7.90 18.50 -4.66
C2D HEM G . -9.14 19.20 -4.34
C3D HEM G . -8.89 20.49 -4.48
C4D HEM G . -7.51 20.66 -4.92
CMD HEM G . -10.53 18.68 -3.81
CAD HEM G . -9.88 21.65 -4.30
CBD HEM G . -9.37 23.10 -4.19
CGD HEM G . -10.31 24.08 -4.82
O1D HEM G . -10.12 25.31 -4.57
O2D HEM G . -11.22 23.61 -5.54
NA HEM G . -4.74 20.95 -6.08
NB HEM G . -3.21 18.62 -6.44
NC HEM G . -5.38 17.03 -5.38
ND HEM G . -6.94 19.40 -5.10
FE HEM G . -5.06 18.99 -5.69
C CMO H . -5.66 18.87 -7.45
O CMO H . -5.49 17.71 -7.64
C1 NDD I . 11.56 21.96 6.78
C2 NDD I . 11.80 22.65 5.57
C3 NDD I . 12.93 22.26 4.83
C4 NDD I . 13.76 21.22 5.24
C4A NDD I . 13.51 20.55 6.44
C5 NDD I . 14.32 19.48 6.83
C6 NDD I . 14.06 18.73 7.99
C7 NDD I . 12.95 19.10 8.75
C8 NDD I . 12.15 20.18 8.38
C8A NDD I . 12.40 20.92 7.21
C2' NDD I . 10.87 23.76 5.13
O1' NDD I . 9.94 24.00 5.90
C6' NDD I . 14.94 17.57 8.42
O3' NDD I . 16.02 17.35 7.86
CHA HEM J . -21.06 1.78 7.60
CHB HEM J . -19.08 -2.52 8.45
CHC HEM J . -14.73 -0.71 7.38
CHD HEM J . -16.65 3.73 7.20
C1A HEM J . -20.91 0.46 7.88
C2A HEM J . -21.99 -0.47 8.10
C3A HEM J . -21.44 -1.66 8.34
C4A HEM J . -20.00 -1.51 8.27
CMA HEM J . -22.10 -3.02 8.66
CAA HEM J . -23.48 -0.06 8.08
CBA HEM J . -24.38 -0.85 9.05
CGA HEM J . -25.79 -0.39 9.28
O1A HEM J . -26.01 0.85 9.36
O2A HEM J . -26.66 -1.30 9.34
C1B HEM J . -17.74 -2.41 8.22
C2B HEM J . -16.80 -3.50 8.28
C3B HEM J . -15.59 -3.00 8.00
C4B HEM J . -15.73 -1.59 7.73
CMB HEM J . -17.23 -4.94 8.66
CAB HEM J . -14.23 -3.73 7.94
CBB HEM J . -13.74 -4.25 9.07
C1C HEM J . -14.85 0.66 7.29
C2C HEM J . -13.76 1.61 7.21
C3C HEM J . -14.31 2.83 7.17
C4C HEM J . -15.75 2.69 7.21
CMC HEM J . -12.27 1.21 7.20
CAC HEM J . -13.68 4.24 7.06
CBC HEM J . -13.25 4.92 8.12
C1D HEM J . -18.02 3.63 7.35
C2D HEM J . -19.00 4.69 7.53
C3D HEM J . -20.19 4.09 7.63
C4D HEM J . -20.01 2.67 7.52
CMD HEM J . -18.77 6.22 7.58
CAD HEM J . -21.62 4.59 7.82
CBD HEM J . -21.92 5.64 8.90
CGD HEM J . -23.36 6.07 8.81
O1D HEM J . -23.54 7.29 8.59
O2D HEM J . -24.25 5.17 8.91
NA HEM J . -19.71 -0.19 7.98
NB HEM J . -17.07 -1.25 7.86
NC HEM J . -16.06 1.34 7.28
ND HEM J . -18.67 2.39 7.36
FE HEM J . -17.89 0.56 7.58
C CMO K . -17.71 0.84 9.40
O CMO K . -17.17 0.99 10.47
CHA HEM L . 19.36 -5.34 10.83
CHB HEM L . 16.62 -2.56 13.70
CHC HEM L . 13.05 -3.08 10.50
CHD HEM L . 15.54 -6.40 8.10
C1A HEM L . 18.93 -4.56 11.88
C2A HEM L . 19.75 -4.22 13.02
C3A HEM L . 18.98 -3.47 13.82
C4A HEM L . 17.69 -3.27 13.20
CMA HEM L . 19.32 -2.81 15.17
CAA HEM L . 21.18 -4.75 13.17
CBA HEM L . 22.31 -3.84 13.65
CGA HEM L . 23.56 -4.57 14.10
O1A HEM L . 23.50 -5.82 14.07
O2A HEM L . 24.54 -3.89 14.50
C1B HEM L . 15.40 -2.37 13.09
C2B HEM L . 14.35 -1.42 13.40
C3B HEM L . 13.38 -1.56 12.50
C4B HEM L . 13.75 -2.62 11.60
CMB HEM L . 14.36 -0.40 14.57
CAB HEM L . 12.05 -0.80 12.43
CBB HEM L . 11.20 -0.95 11.40
C1C HEM L . 13.39 -4.05 9.58
C2C HEM L . 12.50 -4.65 8.59
C3C HEM L . 13.22 -5.58 7.95
C4C HEM L . 14.54 -5.58 8.52
CMC HEM L . 11.02 -4.24 8.39
CAC HEM L . 12.88 -6.56 6.80
CBC HEM L . 11.70 -6.54 6.16
C1D HEM L . 16.79 -6.42 8.67
C2D HEM L . 17.86 -7.34 8.30
C3D HEM L . 18.91 -7.05 9.06
C4D HEM L . 18.53 -5.94 9.91
CMD HEM L . 17.78 -8.45 7.24
CAD HEM L . 20.28 -7.76 9.06
CBD HEM L . 21.40 -7.35 10.03
CGD HEM L . 22.67 -8.17 9.92
O1D HEM L . 22.84 -9.03 10.82
O2D HEM L . 23.44 -7.93 8.94
NA HEM L . 17.70 -3.95 12.00
NB HEM L . 15.00 -3.11 11.98
NC HEM L . 14.64 -4.64 9.53
ND HEM L . 17.22 -5.55 9.67
FE HEM L . 16.20 -4.14 10.71
C CMO M . 15.71 -5.63 11.72
O CMO M . 15.18 -6.13 12.68
#